data_5SYF
#
_entry.id   5SYF
#
loop_
_entity.id
_entity.type
_entity.pdbx_description
1 polymer 'Tubulin alpha chain'
2 polymer 'Tubulin beta chain'
3 non-polymer "GUANOSINE-5'-TRIPHOSPHATE"
4 non-polymer 'MAGNESIUM ION'
5 non-polymer "GUANOSINE-5'-DIPHOSPHATE"
6 non-polymer TAXOL
#
loop_
_entity_poly.entity_id
_entity_poly.type
_entity_poly.pdbx_seq_one_letter_code
_entity_poly.pdbx_strand_id
1 'polypeptide(L)'
;MRECISIHVGQAGVQIGNACWELYCLEHGIQPDGQMPSDKTIGGGDDSFNTFFSETGAGKHVPRAVFVDLEPTVIDEVRT
GTYRQLFHPEQLITGKEDAANNYARGHYTIGKEIIDLVLDRIRKLADQCTGLQGFLVFHSFGGGTGSGFTSLLMERLSVD
YGKKSKLEFSIYPAPQVSTAVVEPYNSILTTHTTLEHSDCAFMVDNEAIYDICRRNLDIERPTYTNLNRLISQIVSSITA
SLRFDGALNVDLTEFQTNLVPYPRIHFPLATYAPVISAEKAYHEQLSVAEITNACFEPANQMVKCDPRHGKYMACCLLYR
GDVVPKDVNAAIATIKTKRTIQFVDWCPTGFKVGINYQPPTVVPGGDLAKVQRAVCMLSNTTAIAEAWARLDHKFDLMYA
KRAFVHWYVGEGMEEGEFSEAREDMAALEKDYEEVGV
;
A
2 'polypeptide(L)'
;MREIVHIQAGQCGNQIGAKFWEVISDEHGIDPTGSYHGDSDLQLERINVYYNEAAGNKYVPRAILVDLEPGTMDSVRSGP
FGQIFRPDNFVFGQSGAGNNWAKGHYTEGAELVDSVLDVVRKESESCDCLQGFQLTHSLGGGTGSGMGTLLISKIREEYP
DRIMNTFSVVPSPKVSDTVVEPYNATLSVHQLVENTDETYCIDNEALYDICFRTLKLTTPTYGDLNHLVSATMSGVTTCL
RFPGQLNADLRKLAVNMVPFPRLHFFMPGFAPLTSRGSQQYRALTVPELTQQMFDAKNMMAACDPRHGRYLTVAAVFRGR
MSMKEVDEQMLNVQNKNSSYFVEWIPNNVKTAVCDIPPRGLKMSATFIGNSTAIQELFKRISEQFTAMFRRKAFLHWYTG
EGMDEMEFTEAESNMNDLVSEYQQYQ
;
B
#
loop_
_chem_comp.id
_chem_comp.type
_chem_comp.name
_chem_comp.formula
GDP RNA linking GUANOSINE-5'-DIPHOSPHATE 'C10 H15 N5 O11 P2'
GTP non-polymer GUANOSINE-5'-TRIPHOSPHATE 'C10 H16 N5 O14 P3'
MG non-polymer 'MAGNESIUM ION' 'Mg 2'
TA1 non-polymer TAXOL 'C47 H51 N O14'
#
# COMPACT_ATOMS: atom_id res chain seq x y z
N MET A 1 30.07 23.74 -14.15
CA MET A 1 28.89 23.68 -15.07
C MET A 1 27.54 23.67 -14.35
N ARG A 2 26.49 23.86 -15.14
CA ARG A 2 25.10 23.74 -14.69
C ARG A 2 24.85 22.29 -14.32
N GLU A 3 24.57 22.01 -13.04
CA GLU A 3 24.51 20.65 -12.53
C GLU A 3 23.39 20.42 -11.51
N CYS A 4 22.94 19.17 -11.47
CA CYS A 4 21.67 18.78 -10.83
C CYS A 4 21.77 17.70 -9.75
N ILE A 5 20.70 17.63 -8.97
CA ILE A 5 20.56 16.69 -7.86
C ILE A 5 19.21 15.96 -7.98
N SER A 6 19.24 14.66 -7.71
CA SER A 6 18.07 13.78 -7.83
C SER A 6 17.65 13.21 -6.48
N ILE A 7 16.35 13.30 -6.18
CA ILE A 7 15.76 12.75 -4.95
C ILE A 7 14.54 11.91 -5.32
N HIS A 8 14.51 10.66 -4.84
CA HIS A 8 13.42 9.72 -5.12
C HIS A 8 12.89 9.20 -3.79
N VAL A 9 11.63 9.55 -3.48
CA VAL A 9 11.05 9.39 -2.15
C VAL A 9 9.72 8.66 -2.23
N GLY A 10 9.53 7.70 -1.32
CA GLY A 10 8.43 6.75 -1.41
C GLY A 10 8.67 5.68 -2.46
N GLN A 11 7.98 4.56 -2.29
CA GLN A 11 8.20 3.39 -3.11
C GLN A 11 8.13 3.75 -4.58
N ALA A 12 7.05 4.43 -4.92
CA ALA A 12 6.71 4.77 -6.31
C ALA A 12 7.83 5.56 -6.95
N GLY A 13 8.24 6.59 -6.22
CA GLY A 13 9.31 7.50 -6.64
C GLY A 13 10.58 6.74 -6.90
N VAL A 14 10.90 5.86 -5.96
CA VAL A 14 12.11 5.03 -6.02
C VAL A 14 12.10 4.18 -7.29
N GLN A 15 10.94 3.58 -7.53
CA GLN A 15 10.74 2.70 -8.69
C GLN A 15 10.99 3.49 -9.98
N ILE A 16 10.39 4.69 -10.02
CA ILE A 16 10.51 5.57 -11.17
C ILE A 16 11.99 5.90 -11.44
N GLY A 17 12.65 6.23 -10.34
CA GLY A 17 14.04 6.62 -10.29
C GLY A 17 14.88 5.54 -10.84
N ASN A 18 14.61 4.27 -10.53
CA ASN A 18 15.41 3.15 -11.05
C ASN A 18 15.49 3.20 -12.59
N ALA A 19 14.28 3.29 -13.13
CA ALA A 19 14.08 3.32 -14.58
C ALA A 19 14.81 4.50 -15.19
N CYS A 20 14.65 5.66 -14.55
CA CYS A 20 15.27 6.91 -14.98
C CYS A 20 16.77 6.75 -15.07
N TRP A 21 17.33 6.17 -14.01
CA TRP A 21 18.77 5.99 -13.92
C TRP A 21 19.26 5.07 -15.00
N GLU A 22 18.50 3.99 -15.25
CA GLU A 22 18.82 3.05 -16.31
C GLU A 22 18.89 3.75 -17.66
N LEU A 23 17.87 4.59 -17.90
CA LEU A 23 17.75 5.35 -19.13
C LEU A 23 18.98 6.24 -19.32
N TYR A 24 19.32 6.93 -18.23
CA TYR A 24 20.46 7.85 -18.23
C TYR A 24 21.74 7.12 -18.58
N CYS A 25 21.90 5.95 -17.95
CA CYS A 25 23.08 5.12 -18.16
C CYS A 25 23.18 4.72 -19.62
N LEU A 26 22.04 4.31 -20.19
CA LEU A 26 21.99 3.89 -21.58
C LEU A 26 22.39 5.03 -22.49
N GLU A 27 21.87 6.22 -22.18
CA GLU A 27 22.13 7.42 -22.98
C GLU A 27 23.58 7.91 -22.98
N HIS A 28 24.14 8.22 -21.81
CA HIS A 28 25.49 8.78 -21.74
C HIS A 28 26.61 7.76 -21.93
N GLY A 29 26.29 6.46 -21.88
CA GLY A 29 27.25 5.38 -22.12
C GLY A 29 27.90 4.82 -20.86
N ILE A 30 27.10 4.72 -19.79
CA ILE A 30 27.57 4.25 -18.49
C ILE A 30 27.08 2.82 -18.26
N GLN A 31 27.94 2.00 -17.67
CA GLN A 31 27.64 0.60 -17.40
C GLN A 31 26.85 0.44 -16.09
N PRO A 32 26.53 -0.80 -15.70
CA PRO A 32 26.06 -1.04 -14.33
C PRO A 32 27.07 -0.67 -13.22
N ASP A 33 28.37 -0.74 -13.53
CA ASP A 33 29.43 -0.39 -12.57
C ASP A 33 29.55 1.12 -12.34
N GLY A 34 29.47 1.89 -13.42
CA GLY A 34 29.98 3.25 -13.47
C GLY A 34 31.10 3.44 -14.49
N GLN A 35 31.44 2.37 -15.21
CA GLN A 35 32.54 2.36 -16.18
C GLN A 35 32.13 3.01 -17.51
N MET A 36 33.12 3.37 -18.32
CA MET A 36 32.89 3.88 -19.68
C MET A 36 33.91 3.27 -20.66
N SER A 48 28.43 17.98 -20.88
CA SER A 48 27.39 18.06 -19.85
C SER A 48 26.83 16.66 -19.51
N PHE A 49 27.74 15.81 -19.03
CA PHE A 49 27.41 14.47 -18.48
C PHE A 49 27.38 14.55 -16.96
N ASN A 50 27.80 15.71 -16.44
CA ASN A 50 28.05 15.90 -15.02
C ASN A 50 26.87 16.51 -14.28
N THR A 51 25.79 16.80 -15.02
CA THR A 51 24.54 17.23 -14.41
C THR A 51 23.95 16.10 -13.58
N PHE A 52 24.18 14.85 -14.01
CA PHE A 52 23.65 13.66 -13.34
C PHE A 52 24.68 12.60 -12.95
N PHE A 53 25.98 12.85 -13.15
CA PHE A 53 27.02 11.88 -12.82
C PHE A 53 28.34 12.53 -12.41
N SER A 54 28.65 12.53 -11.12
CA SER A 54 29.95 13.00 -10.62
C SER A 54 31.00 11.88 -10.74
N GLU A 55 32.20 12.24 -11.19
CA GLU A 55 33.29 11.27 -11.39
C GLU A 55 34.00 10.95 -10.08
N THR A 56 34.53 9.73 -10.00
CA THR A 56 35.35 9.29 -8.85
C THR A 56 36.82 9.58 -9.15
N GLY A 57 37.72 8.98 -8.37
CA GLY A 57 39.15 8.97 -8.70
C GLY A 57 39.43 8.40 -10.08
N ALA A 58 38.77 7.29 -10.40
CA ALA A 58 38.88 6.67 -11.73
C ALA A 58 37.76 5.66 -11.97
N GLY A 59 37.47 5.40 -13.24
CA GLY A 59 36.51 4.38 -13.64
C GLY A 59 35.07 4.76 -13.35
N LYS A 60 34.63 4.53 -12.11
CA LYS A 60 33.26 4.82 -11.65
C LYS A 60 32.77 6.23 -11.94
N HIS A 61 31.45 6.33 -12.04
CA HIS A 61 30.72 7.59 -11.97
C HIS A 61 29.59 7.37 -10.98
N VAL A 62 29.32 8.39 -10.17
CA VAL A 62 28.34 8.33 -9.09
C VAL A 62 27.12 9.18 -9.44
N PRO A 63 25.93 8.54 -9.54
CA PRO A 63 24.69 9.28 -9.75
C PRO A 63 24.51 10.34 -8.68
N ARG A 64 24.36 11.58 -9.12
CA ARG A 64 24.10 12.70 -8.23
C ARG A 64 22.66 12.56 -7.71
N ALA A 65 22.51 11.64 -6.78
CA ALA A 65 21.21 11.12 -6.37
C ALA A 65 21.08 10.94 -4.85
N VAL A 66 19.82 10.84 -4.43
CA VAL A 66 19.46 10.46 -3.07
C VAL A 66 18.22 9.56 -3.15
N PHE A 67 18.24 8.48 -2.37
CA PHE A 67 17.13 7.52 -2.33
C PHE A 67 16.67 7.34 -0.91
N VAL A 68 15.38 7.61 -0.68
CA VAL A 68 14.78 7.53 0.65
C VAL A 68 13.49 6.71 0.61
N ASP A 69 13.36 5.80 1.57
CA ASP A 69 12.08 5.20 1.90
C ASP A 69 12.13 4.59 3.29
N LEU A 70 11.01 4.72 4.00
CA LEU A 70 10.88 4.21 5.37
C LEU A 70 10.64 2.70 5.37
N GLU A 71 10.07 2.16 4.28
CA GLU A 71 10.10 0.72 4.00
C GLU A 71 11.52 0.34 3.58
N PRO A 72 12.18 -0.56 4.32
CA PRO A 72 13.49 -1.03 3.86
C PRO A 72 13.41 -1.87 2.58
N THR A 73 12.35 -2.66 2.44
CA THR A 73 12.17 -3.64 1.35
C THR A 73 12.33 -3.06 -0.07
N VAL A 74 11.97 -1.80 -0.25
CA VAL A 74 12.09 -1.13 -1.53
C VAL A 74 13.56 -0.97 -1.92
N ILE A 75 14.32 -0.34 -1.03
CA ILE A 75 15.73 -0.05 -1.25
C ILE A 75 16.63 -1.27 -1.06
N ASP A 76 16.18 -2.25 -0.28
CA ASP A 76 16.83 -3.57 -0.22
C ASP A 76 16.90 -4.19 -1.61
N GLU A 77 15.79 -4.08 -2.35
CA GLU A 77 15.70 -4.58 -3.71
C GLU A 77 16.76 -3.95 -4.60
N VAL A 78 16.88 -2.63 -4.47
CA VAL A 78 17.86 -1.85 -5.22
C VAL A 78 19.27 -2.33 -4.91
N ARG A 79 19.53 -2.54 -3.62
CA ARG A 79 20.83 -2.99 -3.13
C ARG A 79 21.28 -4.39 -3.56
N THR A 80 20.38 -5.22 -4.11
CA THR A 80 20.74 -6.54 -4.67
C THR A 80 20.58 -6.66 -6.19
N GLY A 81 19.97 -5.66 -6.83
CA GLY A 81 19.78 -5.66 -8.28
C GLY A 81 21.06 -5.45 -9.06
N THR A 82 20.95 -5.42 -10.38
CA THR A 82 22.09 -5.15 -11.25
C THR A 82 22.59 -3.73 -11.03
N TYR A 83 21.65 -2.78 -11.04
CA TYR A 83 21.95 -1.41 -10.61
C TYR A 83 22.03 -1.39 -9.09
N ARG A 84 23.27 -1.44 -8.59
CA ARG A 84 23.56 -1.57 -7.17
C ARG A 84 24.89 -0.88 -6.87
N GLN A 85 25.97 -1.42 -7.42
CA GLN A 85 27.32 -0.84 -7.26
C GLN A 85 27.56 0.40 -8.15
N LEU A 86 26.58 0.77 -8.97
CA LEU A 86 26.52 2.13 -9.54
C LEU A 86 26.36 3.15 -8.43
N PHE A 87 25.43 2.89 -7.52
CA PHE A 87 25.17 3.77 -6.39
C PHE A 87 26.25 3.61 -5.32
N HIS A 88 26.50 4.70 -4.59
CA HIS A 88 27.43 4.74 -3.46
C HIS A 88 26.55 4.71 -2.21
N PRO A 89 26.70 3.67 -1.35
CA PRO A 89 25.81 3.47 -0.18
C PRO A 89 25.59 4.64 0.79
N GLU A 90 26.37 5.71 0.69
CA GLU A 90 26.06 6.97 1.37
C GLU A 90 24.64 7.48 1.08
N GLN A 91 24.19 7.28 -0.16
CA GLN A 91 22.94 7.86 -0.67
C GLN A 91 21.71 7.09 -0.20
N LEU A 92 21.76 5.76 -0.32
CA LEU A 92 20.62 4.91 -0.04
C LEU A 92 20.32 4.87 1.45
N ILE A 93 19.29 5.60 1.86
CA ILE A 93 18.89 5.68 3.26
C ILE A 93 17.64 4.83 3.46
N THR A 94 17.52 4.21 4.63
CA THR A 94 16.36 3.43 5.00
C THR A 94 15.88 3.74 6.41
N GLY A 95 14.60 3.51 6.66
CA GLY A 95 13.99 3.70 7.98
C GLY A 95 13.82 2.38 8.73
N LYS A 96 12.87 2.37 9.66
CA LYS A 96 12.57 1.20 10.49
C LYS A 96 11.12 0.74 10.24
N GLU A 97 10.17 1.62 10.54
CA GLU A 97 8.75 1.37 10.32
C GLU A 97 8.23 2.36 9.27
N ASP A 98 7.42 1.85 8.35
CA ASP A 98 6.97 2.61 7.17
C ASP A 98 5.98 3.72 7.50
N ALA A 99 5.71 4.55 6.50
CA ALA A 99 4.81 5.70 6.67
C ALA A 99 3.35 5.31 6.89
N ALA A 100 2.96 4.10 6.46
CA ALA A 100 1.62 3.55 6.73
C ALA A 100 0.48 4.39 6.12
N ASN A 101 0.71 4.87 4.90
CA ASN A 101 -0.27 5.66 4.17
C ASN A 101 -0.92 6.71 5.07
N ASN A 102 -0.06 7.47 5.75
CA ASN A 102 -0.46 8.39 6.78
C ASN A 102 0.50 9.58 6.79
N TYR A 103 0.06 10.69 6.18
CA TYR A 103 0.77 11.98 6.24
C TYR A 103 1.33 12.31 7.61
N ALA A 104 0.53 12.05 8.65
CA ALA A 104 0.92 12.39 10.00
C ALA A 104 2.07 11.57 10.58
N ARG A 105 2.44 10.47 9.94
CA ARG A 105 3.68 9.75 10.25
C ARG A 105 4.85 10.23 9.40
N GLY A 106 4.57 10.53 8.12
CA GLY A 106 5.56 11.04 7.20
C GLY A 106 6.09 12.43 7.53
N HIS A 107 5.23 13.30 8.04
CA HIS A 107 5.61 14.68 8.36
C HIS A 107 6.05 14.84 9.82
N TYR A 108 5.15 14.47 10.74
CA TYR A 108 5.35 14.79 12.16
C TYR A 108 6.24 13.79 12.88
N THR A 109 5.86 12.52 12.87
CA THR A 109 6.48 11.53 13.75
C THR A 109 7.84 11.01 13.26
N ILE A 110 7.83 10.11 12.27
CA ILE A 110 9.06 9.45 11.79
C ILE A 110 9.83 10.36 10.83
N GLY A 111 9.13 11.33 10.24
CA GLY A 111 9.76 12.37 9.43
C GLY A 111 10.77 13.18 10.22
N LYS A 112 10.31 13.73 11.35
CA LYS A 112 11.19 14.48 12.26
C LYS A 112 12.07 13.50 13.04
N GLU A 113 13.06 12.96 12.34
CA GLU A 113 14.02 11.99 12.88
C GLU A 113 15.16 11.81 11.88
N ILE A 114 14.83 11.31 10.68
CA ILE A 114 15.83 11.00 9.65
C ILE A 114 15.98 12.07 8.58
N ILE A 115 15.11 13.08 8.58
CA ILE A 115 15.15 14.15 7.60
C ILE A 115 16.50 14.87 7.64
N ASP A 116 17.04 15.04 8.85
CA ASP A 116 18.27 15.78 9.08
C ASP A 116 19.42 15.14 8.32
N LEU A 117 19.49 13.82 8.41
CA LEU A 117 20.50 13.01 7.73
C LEU A 117 20.48 13.27 6.23
N VAL A 118 19.26 13.22 5.70
CA VAL A 118 19.03 13.40 4.27
C VAL A 118 19.48 14.79 3.85
N LEU A 119 19.13 15.78 4.67
CA LEU A 119 19.51 17.18 4.43
C LEU A 119 21.01 17.32 4.36
N ASP A 120 21.69 16.67 5.32
CA ASP A 120 23.15 16.71 5.39
C ASP A 120 23.75 16.13 4.12
N ARG A 121 23.19 15.00 3.69
CA ARG A 121 23.63 14.32 2.46
C ARG A 121 23.51 15.26 1.26
N ILE A 122 22.35 15.92 1.19
CA ILE A 122 22.05 16.87 0.12
C ILE A 122 23.08 17.99 0.10
N ARG A 123 23.37 18.51 1.29
CA ARG A 123 24.35 19.59 1.46
C ARG A 123 25.71 19.16 0.93
N LYS A 124 26.09 17.94 1.31
CA LYS A 124 27.36 17.35 0.89
C LYS A 124 27.44 17.29 -0.63
N LEU A 125 26.34 16.81 -1.22
CA LEU A 125 26.25 16.67 -2.67
C LEU A 125 26.39 18.03 -3.36
N ALA A 126 25.72 19.03 -2.79
CA ALA A 126 25.76 20.41 -3.28
C ALA A 126 27.19 20.92 -3.28
N ASP A 127 27.89 20.66 -2.17
CA ASP A 127 29.29 21.04 -2.04
C ASP A 127 30.18 20.42 -3.14
N GLN A 128 29.65 19.55 -3.99
CA GLN A 128 30.31 19.14 -5.25
C GLN A 128 29.94 20.07 -6.41
N CYS A 129 28.65 20.40 -6.53
CA CYS A 129 28.15 21.32 -7.58
C CYS A 129 28.74 22.72 -7.46
N THR A 130 29.48 23.14 -8.48
CA THR A 130 29.88 24.54 -8.65
C THR A 130 28.64 25.33 -9.04
N GLY A 131 28.03 24.91 -10.15
CA GLY A 131 26.76 25.44 -10.61
C GLY A 131 25.65 24.48 -10.28
N LEU A 132 25.16 24.56 -9.05
CA LEU A 132 23.96 23.83 -8.63
C LEU A 132 22.74 24.53 -9.24
N GLN A 133 22.22 23.94 -10.32
CA GLN A 133 21.01 24.47 -10.96
C GLN A 133 19.81 24.29 -10.05
N GLY A 134 19.57 23.05 -9.67
CA GLY A 134 18.47 22.71 -8.79
C GLY A 134 18.33 21.25 -8.45
N PHE A 135 17.10 20.89 -8.11
CA PHE A 135 16.74 19.55 -7.65
C PHE A 135 15.68 18.87 -8.52
N LEU A 136 15.57 17.57 -8.31
CA LEU A 136 14.42 16.79 -8.76
C LEU A 136 13.91 15.94 -7.61
N VAL A 137 12.59 16.03 -7.39
CA VAL A 137 11.89 15.27 -6.35
C VAL A 137 10.84 14.38 -7.02
N PHE A 138 10.91 13.06 -6.75
CA PHE A 138 9.95 12.08 -7.26
C PHE A 138 9.25 11.40 -6.09
N HIS A 139 7.93 11.42 -6.12
CA HIS A 139 7.11 11.06 -4.96
C HIS A 139 5.75 10.48 -5.40
N SER A 140 4.68 10.74 -4.63
CA SER A 140 3.31 10.51 -5.08
C SER A 140 2.30 11.22 -4.18
N PHE A 141 1.40 12.00 -4.78
CA PHE A 141 0.19 12.47 -4.09
C PHE A 141 -0.69 11.22 -3.82
N GLY A 142 -0.34 10.42 -2.81
CA GLY A 142 -0.97 9.11 -2.63
C GLY A 142 -0.25 8.07 -1.78
N GLY A 143 1.07 8.19 -1.69
CA GLY A 143 1.83 7.44 -0.69
C GLY A 143 1.84 8.15 0.65
N GLY A 144 2.14 7.38 1.71
CA GLY A 144 2.30 7.93 3.05
C GLY A 144 3.62 8.68 3.17
N THR A 145 4.68 8.01 2.73
CA THR A 145 6.00 8.62 2.66
C THR A 145 5.90 9.87 1.80
N GLY A 146 5.47 9.67 0.55
CA GLY A 146 5.48 10.72 -0.46
C GLY A 146 4.59 11.94 -0.25
N SER A 147 3.66 11.88 0.69
CA SER A 147 2.72 12.98 0.95
C SER A 147 3.19 14.00 2.02
N GLY A 148 3.80 13.53 3.11
CA GLY A 148 4.18 14.39 4.22
C GLY A 148 5.67 14.61 4.26
N PHE A 149 6.40 13.49 4.14
CA PHE A 149 7.86 13.51 4.18
C PHE A 149 8.41 14.41 3.09
N THR A 150 7.86 14.26 1.89
CA THR A 150 8.23 15.05 0.72
C THR A 150 8.09 16.54 1.02
N SER A 151 6.93 16.87 1.58
CA SER A 151 6.59 18.24 1.94
C SER A 151 7.61 18.81 2.91
N LEU A 152 7.92 18.00 3.92
CA LEU A 152 8.88 18.36 4.96
C LEU A 152 10.24 18.69 4.32
N LEU A 153 10.65 17.80 3.42
CA LEU A 153 11.92 17.92 2.73
C LEU A 153 11.97 19.23 1.94
N MET A 154 10.87 19.49 1.23
CA MET A 154 10.72 20.70 0.43
C MET A 154 10.89 21.94 1.29
N GLU A 155 10.21 21.91 2.44
CA GLU A 155 10.25 23.02 3.41
C GLU A 155 11.69 23.27 3.84
N ARG A 156 12.37 22.18 4.17
CA ARG A 156 13.74 22.26 4.65
C ARG A 156 14.64 22.87 3.58
N LEU A 157 14.43 22.43 2.34
CA LEU A 157 15.21 22.92 1.20
C LEU A 157 14.99 24.41 1.03
N SER A 158 13.73 24.83 1.14
CA SER A 158 13.36 26.25 1.02
C SER A 158 14.08 27.07 2.08
N VAL A 159 14.08 26.55 3.30
CA VAL A 159 14.74 27.19 4.44
C VAL A 159 16.21 27.38 4.15
N ASP A 160 16.83 26.32 3.63
CA ASP A 160 18.26 26.33 3.31
C ASP A 160 18.66 27.26 2.16
N TYR A 161 18.10 26.98 0.98
CA TYR A 161 18.55 27.59 -0.28
C TYR A 161 17.61 28.69 -0.76
N GLY A 162 16.34 28.35 -0.95
CA GLY A 162 15.33 29.32 -1.37
C GLY A 162 15.41 29.70 -2.83
N LYS A 163 16.48 30.40 -3.22
CA LYS A 163 16.73 30.81 -4.61
C LYS A 163 16.84 29.66 -5.61
N LYS A 164 17.34 28.51 -5.16
CA LYS A 164 17.56 27.37 -6.05
C LYS A 164 16.27 26.80 -6.66
N SER A 165 16.45 26.16 -7.83
CA SER A 165 15.37 25.60 -8.62
C SER A 165 14.88 24.27 -8.05
N LYS A 166 13.56 24.13 -7.95
CA LYS A 166 12.95 22.93 -7.35
C LYS A 166 11.81 22.42 -8.22
N LEU A 167 11.86 21.11 -8.48
CA LEU A 167 10.84 20.40 -9.25
C LEU A 167 10.26 19.20 -8.49
N GLU A 168 8.97 18.97 -8.74
CA GLU A 168 8.25 17.82 -8.21
C GLU A 168 7.60 17.04 -9.37
N PHE A 169 7.88 15.74 -9.44
CA PHE A 169 7.19 14.83 -10.36
C PHE A 169 6.13 14.12 -9.55
N SER A 170 4.86 14.52 -9.74
CA SER A 170 3.77 14.19 -8.83
C SER A 170 2.76 13.28 -9.49
N ILE A 171 2.57 12.09 -8.92
CA ILE A 171 1.68 11.08 -9.46
C ILE A 171 0.31 11.36 -8.87
N TYR A 172 -0.56 11.89 -9.72
CA TYR A 172 -1.83 12.44 -9.31
C TYR A 172 -2.82 11.31 -9.00
N PRO A 173 -3.78 11.54 -8.08
CA PRO A 173 -4.88 10.59 -7.89
C PRO A 173 -5.83 10.53 -9.10
N ALA A 174 -5.96 9.34 -9.70
CA ALA A 174 -6.83 9.14 -10.86
C ALA A 174 -8.30 9.24 -10.43
N PRO A 175 -9.07 10.21 -10.99
CA PRO A 175 -10.46 10.50 -10.59
C PRO A 175 -11.35 9.29 -10.30
N GLN A 176 -11.34 8.31 -11.19
CA GLN A 176 -12.20 7.13 -11.07
C GLN A 176 -11.52 6.02 -10.28
N VAL A 177 -10.33 5.64 -10.72
CA VAL A 177 -9.64 4.47 -10.17
C VAL A 177 -8.97 4.79 -8.83
N SER A 178 -9.51 4.23 -7.76
CA SER A 178 -8.78 4.12 -6.48
C SER A 178 -7.62 3.10 -6.28
N THR A 179 -6.65 3.48 -5.45
CA THR A 179 -5.56 2.58 -5.03
C THR A 179 -5.58 2.44 -3.51
N ALA A 180 -5.45 3.57 -2.81
CA ALA A 180 -5.53 3.64 -1.35
C ALA A 180 -6.91 4.08 -0.90
N VAL A 181 -7.15 3.94 0.40
CA VAL A 181 -8.41 4.35 1.02
C VAL A 181 -8.36 5.82 1.42
N VAL A 182 -7.17 6.29 1.82
CA VAL A 182 -6.97 7.69 2.21
C VAL A 182 -5.96 8.38 1.28
N GLU A 183 -6.11 8.10 -0.01
CA GLU A 183 -5.47 8.88 -1.07
C GLU A 183 -5.99 10.33 -1.07
N PRO A 184 -7.31 10.55 -0.85
CA PRO A 184 -7.86 11.92 -0.89
C PRO A 184 -7.37 12.89 0.19
N TYR A 185 -7.19 12.41 1.42
CA TYR A 185 -6.71 13.27 2.51
C TYR A 185 -5.26 13.66 2.25
N ASN A 186 -4.47 12.63 1.94
CA ASN A 186 -3.02 12.74 1.81
C ASN A 186 -2.66 13.81 0.79
N SER A 187 -3.31 13.70 -0.36
CA SER A 187 -3.07 14.58 -1.49
C SER A 187 -3.34 16.04 -1.08
N ILE A 188 -4.48 16.22 -0.41
CA ILE A 188 -4.89 17.55 0.01
C ILE A 188 -3.88 18.12 1.01
N LEU A 189 -3.41 17.27 1.93
CA LEU A 189 -2.42 17.70 2.90
C LEU A 189 -1.14 18.13 2.23
N THR A 190 -0.72 17.36 1.23
CA THR A 190 0.48 17.66 0.45
C THR A 190 0.34 19.02 -0.21
N THR A 191 -0.84 19.24 -0.81
CA THR A 191 -1.15 20.48 -1.49
C THR A 191 -1.05 21.66 -0.54
N HIS A 192 -1.59 21.47 0.66
CA HIS A 192 -1.52 22.50 1.71
C HIS A 192 -0.10 23.00 1.95
N THR A 193 0.87 22.08 1.98
CA THR A 193 2.23 22.37 2.38
C THR A 193 3.21 22.62 1.24
N THR A 194 3.16 21.78 0.21
CA THR A 194 4.05 21.92 -0.96
C THR A 194 3.79 23.20 -1.76
N LEU A 195 2.51 23.56 -1.92
CA LEU A 195 2.09 24.69 -2.76
C LEU A 195 2.85 26.00 -2.56
N GLU A 196 3.23 26.30 -1.31
CA GLU A 196 3.94 27.54 -0.98
C GLU A 196 5.46 27.37 -0.88
N HIS A 197 6.02 26.45 -1.66
CA HIS A 197 7.46 26.19 -1.70
C HIS A 197 7.93 25.82 -3.11
N SER A 198 7.43 24.68 -3.61
CA SER A 198 7.84 24.16 -4.92
C SER A 198 7.30 25.03 -6.06
N ASP A 199 8.21 25.65 -6.80
CA ASP A 199 7.84 26.60 -7.85
C ASP A 199 7.22 25.93 -9.07
N CYS A 200 7.52 24.66 -9.28
CA CYS A 200 7.03 23.93 -10.44
C CYS A 200 6.82 22.45 -10.12
N ALA A 201 5.68 21.92 -10.54
CA ALA A 201 5.36 20.50 -10.36
C ALA A 201 4.85 19.92 -11.68
N PHE A 202 5.50 18.83 -12.14
CA PHE A 202 5.12 18.12 -13.37
C PHE A 202 4.37 16.85 -13.01
N MET A 203 3.14 16.70 -13.53
CA MET A 203 2.19 15.72 -13.04
C MET A 203 1.66 14.80 -14.12
N VAL A 204 1.52 13.54 -13.73
CA VAL A 204 0.82 12.52 -14.52
C VAL A 204 -0.13 11.74 -13.62
N ASP A 205 -1.03 10.99 -14.24
CA ASP A 205 -1.72 9.88 -13.57
C ASP A 205 -1.62 8.58 -14.37
N ASN A 206 -1.90 7.49 -13.69
CA ASN A 206 -1.68 6.15 -14.19
C ASN A 206 -2.73 5.74 -15.20
N GLU A 207 -3.96 6.19 -14.99
CA GLU A 207 -5.10 5.82 -15.83
C GLU A 207 -4.84 6.20 -17.29
N ALA A 208 -4.40 7.44 -17.45
CA ALA A 208 -4.10 8.00 -18.76
C ALA A 208 -3.02 7.18 -19.45
N ILE A 209 -1.99 6.85 -18.67
CA ILE A 209 -0.86 6.07 -19.18
C ILE A 209 -1.35 4.71 -19.67
N TYR A 210 -2.22 4.09 -18.88
CA TYR A 210 -2.80 2.79 -19.20
C TYR A 210 -3.55 2.87 -20.52
N ASP A 211 -4.34 3.94 -20.65
CA ASP A 211 -5.15 4.19 -21.86
C ASP A 211 -4.22 4.28 -23.08
N ILE A 212 -3.15 5.05 -22.91
CA ILE A 212 -2.17 5.26 -23.96
C ILE A 212 -1.57 3.92 -24.40
N CYS A 213 -1.21 3.11 -23.41
CA CYS A 213 -0.63 1.79 -23.65
C CYS A 213 -1.59 0.93 -24.46
N ARG A 214 -2.86 0.97 -24.06
CA ARG A 214 -3.90 0.21 -24.74
C ARG A 214 -4.05 0.63 -26.20
N ARG A 215 -4.20 1.93 -26.43
CA ARG A 215 -4.57 2.46 -27.75
C ARG A 215 -3.38 2.56 -28.69
N ASN A 216 -2.41 3.39 -28.35
CA ASN A 216 -1.30 3.72 -29.25
C ASN A 216 -0.25 2.64 -29.37
N LEU A 217 0.02 1.93 -28.27
CA LEU A 217 1.02 0.86 -28.25
C LEU A 217 0.45 -0.55 -28.40
N ASP A 218 -0.88 -0.69 -28.33
CA ASP A 218 -1.56 -1.98 -28.45
C ASP A 218 -1.18 -3.00 -27.36
N ILE A 219 -0.82 -2.49 -26.18
CA ILE A 219 -0.37 -3.33 -25.07
C ILE A 219 -1.60 -3.73 -24.26
N GLU A 220 -1.82 -5.03 -24.14
CA GLU A 220 -3.00 -5.57 -23.45
C GLU A 220 -2.84 -5.71 -21.92
N ARG A 221 -1.60 -5.64 -21.43
CA ARG A 221 -1.31 -5.80 -20.01
C ARG A 221 -0.68 -4.53 -19.41
N PRO A 222 -1.49 -3.70 -18.70
CA PRO A 222 -0.92 -2.54 -18.03
C PRO A 222 -0.18 -2.92 -16.76
N THR A 223 1.11 -2.59 -16.71
CA THR A 223 1.98 -2.90 -15.56
C THR A 223 2.88 -1.71 -15.23
N TYR A 224 3.50 -1.76 -14.05
CA TYR A 224 4.23 -0.62 -13.51
C TYR A 224 5.56 -0.29 -14.20
N THR A 225 6.23 -1.29 -14.76
CA THR A 225 7.59 -1.11 -15.28
C THR A 225 7.56 -0.25 -16.55
N ASN A 226 6.70 -0.69 -17.47
CA ASN A 226 6.54 0.00 -18.74
C ASN A 226 6.04 1.43 -18.52
N LEU A 227 5.09 1.58 -17.61
CA LEU A 227 4.54 2.86 -17.22
C LEU A 227 5.66 3.79 -16.73
N ASN A 228 6.49 3.23 -15.85
CA ASN A 228 7.60 3.98 -15.28
C ASN A 228 8.56 4.43 -16.36
N ARG A 229 8.83 3.54 -17.32
CA ARG A 229 9.70 3.83 -18.45
C ARG A 229 9.19 5.04 -19.22
N LEU A 230 7.89 5.13 -19.43
CA LEU A 230 7.27 6.26 -20.12
C LEU A 230 7.61 7.58 -19.40
N ILE A 231 7.44 7.55 -18.09
CA ILE A 231 7.71 8.71 -17.25
C ILE A 231 9.17 9.10 -17.34
N SER A 232 10.04 8.09 -17.31
CA SER A 232 11.49 8.26 -17.43
C SER A 232 11.82 8.97 -18.72
N GLN A 233 11.18 8.56 -19.81
CA GLN A 233 11.39 9.18 -21.12
C GLN A 233 11.08 10.68 -21.07
N ILE A 234 9.95 10.99 -20.45
CA ILE A 234 9.51 12.38 -20.28
C ILE A 234 10.55 13.18 -19.52
N VAL A 235 11.03 12.58 -18.44
CA VAL A 235 12.05 13.19 -17.57
C VAL A 235 13.30 13.52 -18.39
N SER A 236 13.72 12.52 -19.18
CA SER A 236 14.89 12.64 -20.03
C SER A 236 14.73 13.81 -20.99
N SER A 237 13.54 13.88 -21.60
CA SER A 237 13.22 14.93 -22.56
C SER A 237 13.33 16.29 -21.90
N ILE A 238 12.79 16.39 -20.69
CA ILE A 238 12.81 17.63 -19.92
C ILE A 238 14.25 18.05 -19.66
N THR A 239 15.07 17.09 -19.28
CA THR A 239 16.46 17.35 -18.91
C THR A 239 17.33 17.73 -20.09
N ALA A 240 17.33 16.88 -21.12
CA ALA A 240 18.34 16.89 -22.23
C ALA A 240 18.87 18.25 -22.71
N SER A 241 18.04 19.28 -22.60
CA SER A 241 18.47 20.67 -22.75
C SER A 241 19.70 21.05 -21.91
N LEU A 242 19.74 20.58 -20.66
CA LEU A 242 20.92 20.70 -19.77
C LEU A 242 21.98 19.65 -20.10
N ARG A 243 21.53 18.43 -20.37
CA ARG A 243 22.40 17.29 -20.58
C ARG A 243 23.07 17.26 -21.95
N PHE A 244 22.54 18.01 -22.91
CA PHE A 244 22.99 17.93 -24.30
C PHE A 244 22.90 19.24 -25.07
N ASP A 245 23.48 19.26 -26.27
CA ASP A 245 23.57 20.45 -27.12
C ASP A 245 22.23 20.68 -27.83
N GLY A 246 22.15 21.79 -28.57
CA GLY A 246 20.99 22.08 -29.40
C GLY A 246 20.70 23.57 -29.51
N ALA A 247 20.25 24.00 -30.69
CA ALA A 247 19.78 25.36 -30.88
C ALA A 247 18.46 25.54 -30.14
N LEU A 248 18.23 26.72 -29.58
CA LEU A 248 17.10 26.97 -28.69
C LEU A 248 17.13 26.03 -27.49
N ASN A 249 18.03 26.30 -26.55
CA ASN A 249 18.18 25.45 -25.35
C ASN A 249 17.32 25.96 -24.21
N VAL A 250 17.27 25.16 -23.14
CA VAL A 250 16.38 25.37 -22.02
C VAL A 250 17.09 25.11 -20.68
N ASP A 251 16.67 25.86 -19.67
CA ASP A 251 17.15 25.77 -18.29
C ASP A 251 15.94 25.45 -17.42
N LEU A 252 16.20 24.87 -16.26
CA LEU A 252 15.12 24.63 -15.30
C LEU A 252 14.44 25.92 -14.88
N THR A 253 15.23 26.96 -14.61
CA THR A 253 14.70 28.29 -14.25
C THR A 253 13.80 28.88 -15.34
N GLU A 254 14.12 28.55 -16.60
CA GLU A 254 13.30 28.98 -17.72
C GLU A 254 11.90 28.43 -17.61
N PHE A 255 11.77 27.17 -17.18
CA PHE A 255 10.46 26.56 -16.97
C PHE A 255 9.66 27.34 -15.95
N GLN A 256 10.32 27.69 -14.86
CA GLN A 256 9.71 28.47 -13.77
C GLN A 256 9.19 29.79 -14.32
N THR A 257 10.05 30.44 -15.09
CA THR A 257 9.70 31.74 -15.69
C THR A 257 8.53 31.58 -16.65
N ASN A 258 8.62 30.55 -17.49
CA ASN A 258 7.69 30.33 -18.58
C ASN A 258 6.32 29.77 -18.18
N LEU A 259 6.30 28.83 -17.23
CA LEU A 259 5.07 28.09 -16.91
C LEU A 259 4.50 28.41 -15.54
N VAL A 260 4.78 29.61 -15.02
CA VAL A 260 4.23 30.04 -13.74
C VAL A 260 3.76 31.48 -13.87
N PRO A 261 2.54 31.69 -14.40
CA PRO A 261 2.03 33.05 -14.58
C PRO A 261 1.81 33.74 -13.25
N TYR A 262 1.03 33.11 -12.38
CA TYR A 262 0.84 33.56 -11.01
C TYR A 262 1.56 32.54 -10.14
N PRO A 263 2.18 32.98 -9.02
CA PRO A 263 3.11 32.14 -8.26
C PRO A 263 2.49 30.85 -7.66
N ARG A 264 1.19 30.88 -7.40
CA ARG A 264 0.45 29.73 -6.85
C ARG A 264 0.10 28.69 -7.91
N ILE A 265 -0.36 29.16 -9.08
CA ILE A 265 -0.69 28.25 -10.17
C ILE A 265 0.60 27.77 -10.84
N HIS A 266 0.98 26.53 -10.56
CA HIS A 266 2.17 25.92 -11.15
C HIS A 266 2.08 24.41 -11.22
N PHE A 267 1.03 23.93 -11.89
CA PHE A 267 0.79 22.50 -12.05
C PHE A 267 0.61 22.09 -13.50
N PRO A 268 1.73 21.97 -14.22
CA PRO A 268 1.81 21.38 -15.54
C PRO A 268 1.27 19.96 -15.66
N LEU A 269 0.73 19.68 -16.84
CA LEU A 269 0.52 18.34 -17.33
C LEU A 269 1.73 18.06 -18.21
N ALA A 270 1.87 16.80 -18.58
CA ALA A 270 2.93 16.35 -19.45
C ALA A 270 2.35 15.47 -20.55
N THR A 271 3.15 15.29 -21.59
CA THR A 271 2.89 14.29 -22.63
C THR A 271 4.09 14.10 -23.51
N TYR A 272 4.20 12.87 -24.01
CA TYR A 272 5.30 12.44 -24.84
C TYR A 272 4.76 11.74 -26.07
N ALA A 273 5.12 12.25 -27.25
CA ALA A 273 4.86 11.58 -28.52
C ALA A 273 6.14 11.56 -29.31
N PRO A 274 6.33 10.53 -30.16
CA PRO A 274 5.44 9.40 -30.46
C PRO A 274 5.38 8.32 -29.38
N VAL A 275 4.21 7.68 -29.26
CA VAL A 275 4.03 6.52 -28.38
C VAL A 275 3.68 5.32 -29.26
N ILE A 276 4.68 4.87 -30.02
CA ILE A 276 4.44 3.95 -31.14
C ILE A 276 5.22 2.64 -30.99
N SER A 277 4.53 1.54 -31.29
CA SER A 277 5.07 0.18 -31.18
C SER A 277 6.03 -0.14 -32.34
N ALA A 278 6.48 -1.40 -32.42
CA ALA A 278 7.38 -1.86 -33.49
C ALA A 278 6.73 -1.84 -34.88
N GLU A 279 5.49 -2.32 -34.97
CA GLU A 279 4.74 -2.34 -36.24
C GLU A 279 4.35 -0.93 -36.64
N LYS A 280 3.61 -0.24 -35.78
CA LYS A 280 2.98 1.05 -36.11
C LYS A 280 3.95 2.20 -36.45
N ALA A 281 5.24 2.03 -36.16
CA ALA A 281 6.29 2.94 -36.66
C ALA A 281 6.34 2.93 -38.18
N TYR A 282 6.21 1.74 -38.77
CA TYR A 282 6.01 1.59 -40.22
C TYR A 282 4.52 1.73 -40.45
N HIS A 283 4.12 1.91 -41.72
CA HIS A 283 2.80 2.45 -42.07
C HIS A 283 2.62 3.86 -41.48
N GLU A 284 3.73 4.60 -41.39
CA GLU A 284 3.74 5.92 -40.77
C GLU A 284 5.07 6.64 -41.09
N GLN A 285 4.97 7.92 -41.44
CA GLN A 285 6.13 8.76 -41.79
C GLN A 285 6.78 9.36 -40.54
N LEU A 286 5.93 9.89 -39.64
CA LEU A 286 6.35 10.64 -38.44
C LEU A 286 6.98 11.97 -38.80
N SER A 287 6.13 12.90 -39.23
CA SER A 287 6.55 14.27 -39.49
C SER A 287 6.44 15.09 -38.20
N VAL A 288 7.02 16.28 -38.24
CA VAL A 288 7.10 17.14 -37.06
C VAL A 288 5.70 17.65 -36.70
N ALA A 289 5.01 18.15 -37.73
CA ALA A 289 3.66 18.69 -37.60
C ALA A 289 2.73 17.62 -37.04
N GLU A 290 2.85 16.41 -37.60
CA GLU A 290 2.06 15.26 -37.20
C GLU A 290 2.25 14.98 -35.71
N ILE A 291 3.51 14.98 -35.31
CA ILE A 291 3.89 14.71 -33.92
C ILE A 291 3.26 15.76 -33.00
N THR A 292 3.35 17.01 -33.43
CA THR A 292 2.79 18.13 -32.68
C THR A 292 1.29 17.94 -32.48
N ASN A 293 0.62 17.56 -33.57
CA ASN A 293 -0.81 17.32 -33.57
C ASN A 293 -1.17 16.22 -32.57
N ALA A 294 -0.38 15.15 -32.61
CA ALA A 294 -0.55 14.00 -31.71
C ALA A 294 -0.45 14.45 -30.26
N CYS A 295 0.57 15.27 -30.00
CA CYS A 295 0.81 15.82 -28.65
C CYS A 295 -0.42 16.61 -28.16
N PHE A 296 -1.03 17.40 -29.03
CA PHE A 296 -2.22 18.18 -28.66
C PHE A 296 -3.56 17.41 -28.68
N GLU A 297 -3.53 16.10 -28.93
CA GLU A 297 -4.74 15.29 -28.98
C GLU A 297 -5.33 15.09 -27.57
N PRO A 298 -6.69 15.18 -27.42
CA PRO A 298 -7.39 14.98 -26.13
C PRO A 298 -7.02 13.70 -25.36
N ALA A 299 -6.89 12.59 -26.08
CA ALA A 299 -6.59 11.29 -25.49
C ALA A 299 -5.11 11.10 -25.12
N ASN A 300 -4.20 11.67 -25.91
CA ASN A 300 -2.75 11.51 -25.66
C ASN A 300 -2.19 12.25 -24.44
N GLN A 301 -2.99 13.07 -23.76
CA GLN A 301 -2.58 13.68 -22.49
C GLN A 301 -2.37 12.63 -21.41
N MET A 302 -1.44 12.92 -20.50
CA MET A 302 -1.07 11.99 -19.44
C MET A 302 -1.86 12.20 -18.14
N VAL A 303 -2.98 12.92 -18.21
CA VAL A 303 -3.93 13.00 -17.10
C VAL A 303 -5.38 13.01 -17.58
N LYS A 304 -6.29 12.61 -16.70
CA LYS A 304 -7.72 12.63 -16.99
C LYS A 304 -8.24 14.07 -16.96
N CYS A 305 -8.08 14.73 -18.09
CA CYS A 305 -8.41 16.15 -18.21
C CYS A 305 -8.58 16.47 -19.69
N ASP A 306 -9.80 16.83 -20.08
CA ASP A 306 -10.10 17.23 -21.45
C ASP A 306 -9.60 18.66 -21.65
N PRO A 307 -8.61 18.87 -22.55
CA PRO A 307 -8.10 20.24 -22.76
C PRO A 307 -9.09 21.20 -23.46
N ARG A 308 -10.17 20.65 -24.03
CA ARG A 308 -11.27 21.46 -24.57
C ARG A 308 -12.14 22.12 -23.49
N HIS A 309 -12.04 21.63 -22.25
CA HIS A 309 -12.89 22.10 -21.13
C HIS A 309 -12.22 23.24 -20.33
N GLY A 310 -11.61 24.19 -21.05
CA GLY A 310 -10.81 25.23 -20.43
C GLY A 310 -9.97 25.96 -21.47
N LYS A 311 -8.81 26.46 -21.05
CA LYS A 311 -7.87 27.15 -21.95
C LYS A 311 -6.43 26.90 -21.49
N TYR A 312 -5.52 26.59 -22.43
CA TYR A 312 -4.09 26.52 -22.13
C TYR A 312 -3.55 27.92 -21.85
N MET A 313 -2.98 28.12 -20.67
CA MET A 313 -2.35 29.39 -20.32
C MET A 313 -0.98 29.50 -20.98
N ALA A 314 -0.08 28.61 -20.57
CA ALA A 314 1.33 28.65 -20.97
C ALA A 314 1.78 27.24 -21.35
N CYS A 315 2.40 27.12 -22.52
CA CYS A 315 2.81 25.83 -23.08
C CYS A 315 4.30 25.81 -23.46
N CYS A 316 4.97 24.71 -23.15
CA CYS A 316 6.34 24.47 -23.57
C CYS A 316 6.50 23.10 -24.23
N LEU A 317 7.26 23.09 -25.31
CA LEU A 317 7.39 21.94 -26.20
C LEU A 317 8.88 21.68 -26.46
N LEU A 318 9.34 20.46 -26.14
CA LEU A 318 10.77 20.13 -26.14
C LEU A 318 11.11 19.07 -27.17
N TYR A 319 11.35 19.53 -28.39
CA TYR A 319 11.54 18.67 -29.56
C TYR A 319 12.95 18.10 -29.48
N ARG A 320 13.09 16.86 -29.97
CA ARG A 320 14.36 16.12 -29.88
C ARG A 320 14.74 15.45 -31.19
N GLY A 321 16.05 15.31 -31.38
CA GLY A 321 16.63 14.64 -32.56
C GLY A 321 16.57 15.45 -33.85
N ASP A 322 16.41 14.76 -34.97
CA ASP A 322 16.29 15.39 -36.28
C ASP A 322 15.04 16.28 -36.35
N VAL A 323 15.24 17.57 -36.13
CA VAL A 323 14.16 18.56 -36.18
C VAL A 323 14.65 19.83 -36.87
N VAL A 324 13.73 20.53 -37.53
CA VAL A 324 13.99 21.81 -38.18
C VAL A 324 13.07 22.85 -37.54
N PRO A 325 13.60 24.07 -37.25
CA PRO A 325 12.83 25.10 -36.55
C PRO A 325 11.64 25.58 -37.35
N LYS A 326 11.85 25.75 -38.65
CA LYS A 326 10.83 26.29 -39.55
C LYS A 326 9.59 25.39 -39.53
N ASP A 327 9.84 24.09 -39.61
CA ASP A 327 8.78 23.08 -39.60
C ASP A 327 7.95 23.21 -38.31
N VAL A 328 8.68 23.32 -37.20
CA VAL A 328 8.06 23.44 -35.88
C VAL A 328 7.18 24.67 -35.83
N ASN A 329 7.71 25.78 -36.35
CA ASN A 329 6.99 27.05 -36.39
C ASN A 329 5.70 26.90 -37.18
N ALA A 330 5.80 26.23 -38.32
CA ALA A 330 4.66 25.98 -39.20
C ALA A 330 3.58 25.21 -38.45
N ALA A 331 4.03 24.17 -37.75
CA ALA A 331 3.15 23.31 -36.96
C ALA A 331 2.41 24.13 -35.92
N ILE A 332 3.17 24.98 -35.24
CA ILE A 332 2.61 25.84 -34.19
C ILE A 332 1.55 26.76 -34.77
N ALA A 333 1.84 27.32 -35.94
CA ALA A 333 0.92 28.21 -36.66
C ALA A 333 -0.38 27.48 -36.96
N THR A 334 -0.23 26.26 -37.45
CA THR A 334 -1.36 25.40 -37.78
C THR A 334 -2.24 25.17 -36.55
N ILE A 335 -1.57 24.87 -35.44
CA ILE A 335 -2.25 24.62 -34.17
C ILE A 335 -3.04 25.85 -33.75
N LYS A 336 -2.41 27.01 -33.88
CA LYS A 336 -3.03 28.28 -33.53
C LYS A 336 -4.28 28.51 -34.36
N THR A 337 -4.16 28.23 -35.66
CA THR A 337 -5.27 28.33 -36.61
C THR A 337 -6.48 27.50 -36.16
N LYS A 338 -6.25 26.27 -35.68
CA LYS A 338 -7.36 25.43 -35.20
C LYS A 338 -8.19 26.12 -34.12
N ARG A 339 -9.48 26.29 -34.39
CA ARG A 339 -10.37 27.05 -33.51
C ARG A 339 -10.82 26.27 -32.26
N THR A 340 -10.74 24.93 -32.30
CA THR A 340 -11.15 24.07 -31.19
C THR A 340 -10.24 24.19 -29.97
N ILE A 341 -8.93 24.16 -30.22
CA ILE A 341 -7.91 24.25 -29.16
C ILE A 341 -7.81 25.69 -28.68
N GLN A 342 -8.52 26.01 -27.60
CA GLN A 342 -8.61 27.39 -27.11
C GLN A 342 -7.39 27.80 -26.29
N PHE A 343 -7.06 29.09 -26.38
CA PHE A 343 -6.02 29.71 -25.59
C PHE A 343 -6.63 30.82 -24.76
N VAL A 344 -5.85 31.32 -23.81
CA VAL A 344 -6.27 32.40 -22.93
C VAL A 344 -6.19 33.72 -23.71
N ASP A 345 -7.20 34.57 -23.53
CA ASP A 345 -7.31 35.87 -24.21
C ASP A 345 -6.03 36.69 -24.04
N TRP A 346 -5.60 36.81 -22.80
CA TRP A 346 -4.56 37.75 -22.39
C TRP A 346 -3.11 37.29 -22.58
N CYS A 347 -2.88 36.02 -22.92
CA CYS A 347 -1.53 35.55 -23.28
C CYS A 347 -1.50 35.00 -24.71
N PRO A 348 -1.13 35.87 -25.69
CA PRO A 348 -1.06 35.42 -27.09
C PRO A 348 0.19 34.58 -27.38
N THR A 349 1.30 34.93 -26.72
CA THR A 349 2.55 34.22 -26.86
C THR A 349 2.64 33.15 -25.79
N GLY A 350 2.10 31.97 -26.09
CA GLY A 350 2.00 30.88 -25.12
C GLY A 350 2.73 29.64 -25.56
N PHE A 351 3.94 29.82 -26.08
CA PHE A 351 4.78 28.73 -26.56
C PHE A 351 6.24 29.00 -26.27
N LYS A 352 6.92 27.97 -25.77
CA LYS A 352 8.39 27.92 -25.77
C LYS A 352 8.87 26.71 -26.57
N VAL A 353 9.86 26.96 -27.42
CA VAL A 353 10.41 25.97 -28.32
C VAL A 353 11.79 25.52 -27.85
N GLY A 354 11.95 24.20 -27.72
CA GLY A 354 13.19 23.58 -27.28
C GLY A 354 13.60 22.50 -28.25
N ILE A 355 14.83 22.59 -28.75
CA ILE A 355 15.31 21.73 -29.82
C ILE A 355 16.69 21.18 -29.46
N ASN A 356 16.82 19.86 -29.49
CA ASN A 356 18.07 19.17 -29.14
C ASN A 356 18.46 18.19 -30.20
N TYR A 357 19.73 18.26 -30.60
CA TYR A 357 20.25 17.39 -31.65
C TYR A 357 20.37 15.93 -31.20
N GLN A 358 20.29 15.69 -29.89
CA GLN A 358 20.20 14.33 -29.36
C GLN A 358 18.77 13.78 -29.53
N PRO A 359 18.63 12.62 -30.21
CA PRO A 359 17.36 11.91 -30.28
C PRO A 359 17.18 10.93 -29.13
N PRO A 360 15.93 10.75 -28.66
CA PRO A 360 15.65 9.84 -27.55
C PRO A 360 16.04 8.39 -27.86
N THR A 361 16.65 7.74 -26.87
CA THR A 361 17.11 6.35 -26.96
C THR A 361 16.36 5.49 -25.95
N VAL A 362 15.76 4.41 -26.44
CA VAL A 362 14.82 3.58 -25.69
C VAL A 362 15.50 2.32 -25.15
N VAL A 363 15.04 1.94 -23.95
CA VAL A 363 15.65 0.86 -23.17
C VAL A 363 15.26 -0.50 -23.75
N PRO A 364 16.26 -1.37 -24.04
CA PRO A 364 16.01 -2.74 -24.49
C PRO A 364 15.07 -3.54 -23.59
N GLY A 365 14.14 -4.26 -24.21
CA GLY A 365 13.11 -5.00 -23.48
C GLY A 365 12.06 -4.09 -22.89
N GLY A 366 11.52 -3.21 -23.74
CA GLY A 366 10.56 -2.20 -23.32
C GLY A 366 9.46 -1.94 -24.33
N ASP A 367 8.68 -0.90 -24.07
CA ASP A 367 7.49 -0.58 -24.87
C ASP A 367 7.79 0.01 -26.25
N LEU A 368 8.69 0.99 -26.29
CA LEU A 368 8.79 1.92 -27.41
C LEU A 368 9.82 1.49 -28.44
N ALA A 369 9.63 1.95 -29.68
CA ALA A 369 10.56 1.75 -30.78
C ALA A 369 11.31 3.05 -31.09
N LYS A 370 12.26 2.97 -32.02
CA LYS A 370 13.06 4.14 -32.43
C LYS A 370 12.20 5.17 -33.16
N VAL A 371 12.37 6.44 -32.78
CA VAL A 371 11.70 7.55 -33.43
C VAL A 371 12.71 8.69 -33.59
N GLN A 372 12.88 9.17 -34.82
CA GLN A 372 13.88 10.20 -35.12
C GLN A 372 13.58 11.51 -34.42
N ARG A 373 12.30 11.79 -34.24
CA ARG A 373 11.83 13.03 -33.64
C ARG A 373 10.75 12.76 -32.61
N ALA A 374 10.86 13.47 -31.49
CA ALA A 374 9.89 13.40 -30.42
C ALA A 374 9.76 14.72 -29.70
N VAL A 375 8.66 14.81 -28.97
CA VAL A 375 8.28 16.01 -28.24
C VAL A 375 7.85 15.66 -26.81
N CYS A 376 8.23 16.54 -25.89
CA CYS A 376 7.60 16.62 -24.58
C CYS A 376 6.89 17.96 -24.44
N MET A 377 5.60 17.89 -24.09
CA MET A 377 4.73 19.07 -24.03
C MET A 377 4.22 19.28 -22.61
N LEU A 378 4.45 20.47 -22.07
CA LEU A 378 4.19 20.79 -20.67
C LEU A 378 3.28 22.02 -20.62
N SER A 379 2.08 21.86 -20.07
CA SER A 379 1.02 22.84 -20.24
C SER A 379 0.24 23.08 -18.96
N ASN A 380 -0.06 24.37 -18.71
CA ASN A 380 -0.94 24.81 -17.62
C ASN A 380 -2.28 25.31 -18.17
N THR A 381 -3.35 24.82 -17.59
CA THR A 381 -4.70 25.09 -18.09
C THR A 381 -5.74 25.36 -17.01
N THR A 382 -6.81 26.03 -17.42
CA THR A 382 -8.01 26.17 -16.61
C THR A 382 -8.80 24.86 -16.54
N ALA A 383 -8.60 23.98 -17.51
CA ALA A 383 -9.29 22.69 -17.58
C ALA A 383 -8.95 21.71 -16.45
N ILE A 384 -7.72 21.74 -15.95
CA ILE A 384 -7.28 20.85 -14.86
C ILE A 384 -8.08 21.05 -13.57
N ALA A 385 -8.61 22.26 -13.37
CA ALA A 385 -9.40 22.63 -12.20
C ALA A 385 -10.51 21.64 -11.89
N GLU A 386 -11.05 21.00 -12.92
CA GLU A 386 -12.09 20.00 -12.76
C GLU A 386 -11.60 18.85 -11.87
N ALA A 387 -10.38 18.41 -12.13
CA ALA A 387 -9.77 17.33 -11.36
C ALA A 387 -9.68 17.71 -9.88
N TRP A 388 -9.22 18.94 -9.66
CA TRP A 388 -9.08 19.50 -8.30
C TRP A 388 -10.43 19.49 -7.60
N ALA A 389 -11.46 19.93 -8.32
CA ALA A 389 -12.82 20.00 -7.81
C ALA A 389 -13.29 18.62 -7.40
N ARG A 390 -13.02 17.64 -8.27
CA ARG A 390 -13.40 16.24 -8.02
C ARG A 390 -12.76 15.75 -6.74
N LEU A 391 -11.47 16.05 -6.60
CA LEU A 391 -10.69 15.63 -5.44
C LEU A 391 -11.30 16.22 -4.16
N ASP A 392 -11.63 17.51 -4.25
CA ASP A 392 -12.24 18.23 -3.13
C ASP A 392 -13.54 17.58 -2.72
N HIS A 393 -14.35 17.24 -3.72
CA HIS A 393 -15.64 16.60 -3.52
C HIS A 393 -15.46 15.28 -2.78
N LYS A 394 -14.48 14.51 -3.24
CA LYS A 394 -14.14 13.21 -2.63
C LYS A 394 -13.79 13.40 -1.16
N PHE A 395 -12.96 14.39 -0.91
CA PHE A 395 -12.49 14.72 0.44
C PHE A 395 -13.68 15.06 1.33
N ASP A 396 -14.59 15.86 0.80
CA ASP A 396 -15.78 16.29 1.53
C ASP A 396 -16.62 15.09 1.90
N LEU A 397 -16.79 14.19 0.93
CA LEU A 397 -17.70 13.05 1.07
C LEU A 397 -17.29 12.17 2.23
N MET A 398 -15.98 11.91 2.33
CA MET A 398 -15.43 11.09 3.40
C MET A 398 -15.07 11.88 4.65
N TYR A 399 -14.85 13.19 4.56
CA TYR A 399 -14.69 14.03 5.76
C TYR A 399 -16.03 14.30 6.46
N ALA A 400 -17.14 14.25 5.73
CA ALA A 400 -18.48 14.38 6.31
C ALA A 400 -18.73 13.33 7.41
N LYS A 401 -18.36 12.09 7.14
CA LYS A 401 -18.42 11.00 8.12
C LYS A 401 -17.29 11.12 9.15
N ARG A 402 -16.15 11.68 8.73
CA ARG A 402 -14.91 11.78 9.51
C ARG A 402 -14.30 10.39 9.72
N ALA A 403 -14.41 9.55 8.70
CA ALA A 403 -13.94 8.17 8.74
C ALA A 403 -12.47 8.11 8.38
N PHE A 404 -11.80 7.07 8.87
CA PHE A 404 -10.36 6.91 8.75
C PHE A 404 -9.61 8.16 9.25
N VAL A 405 -10.11 8.75 10.34
CA VAL A 405 -9.50 9.90 10.98
C VAL A 405 -8.67 9.52 12.22
N HIS A 406 -9.02 8.40 12.86
CA HIS A 406 -8.30 7.91 14.06
C HIS A 406 -6.84 7.48 13.81
N TRP A 407 -6.48 7.20 12.56
CA TRP A 407 -5.06 7.06 12.18
C TRP A 407 -4.33 8.40 12.34
N TYR A 408 -4.90 9.47 11.80
CA TYR A 408 -4.23 10.79 11.72
C TYR A 408 -4.13 11.54 13.05
N VAL A 409 -5.22 11.54 13.82
CA VAL A 409 -5.28 12.32 15.06
C VAL A 409 -4.16 11.91 16.02
N GLY A 410 -3.88 10.60 16.09
CA GLY A 410 -2.88 10.06 17.01
C GLY A 410 -1.45 10.56 16.87
N GLU A 411 -1.07 10.98 15.66
CA GLU A 411 0.30 11.43 15.35
C GLU A 411 0.38 12.95 15.15
N GLY A 412 -0.31 13.71 15.99
CA GLY A 412 -0.23 15.17 16.01
C GLY A 412 -0.94 15.85 14.87
N MET A 413 -2.24 16.05 15.04
CA MET A 413 -3.08 16.72 14.04
C MET A 413 -4.19 17.55 14.71
N GLU A 414 -4.86 18.35 13.89
CA GLU A 414 -5.98 19.19 14.34
C GLU A 414 -7.10 19.16 13.29
N GLU A 415 -8.33 19.38 13.74
CA GLU A 415 -9.51 19.35 12.86
C GLU A 415 -9.57 20.53 11.89
N GLY A 416 -9.16 21.71 12.37
CA GLY A 416 -9.20 22.94 11.58
C GLY A 416 -8.26 22.97 10.40
N GLU A 417 -7.17 22.18 10.48
CA GLU A 417 -6.19 22.06 9.41
C GLU A 417 -6.85 21.65 8.11
N PHE A 418 -7.70 20.63 8.22
CA PHE A 418 -8.42 20.06 7.08
C PHE A 418 -9.28 21.16 6.42
N SER A 419 -9.98 21.90 7.28
CA SER A 419 -10.86 22.98 6.84
C SER A 419 -10.05 24.03 6.08
N GLU A 420 -8.90 24.37 6.65
CA GLU A 420 -8.00 25.36 6.06
C GLU A 420 -7.56 24.91 4.67
N ALA A 421 -7.20 23.62 4.58
CA ALA A 421 -6.76 23.01 3.32
C ALA A 421 -7.87 23.13 2.27
N ARG A 422 -9.09 22.82 2.70
CA ARG A 422 -10.25 22.89 1.82
C ARG A 422 -10.45 24.31 1.31
N GLU A 423 -10.31 25.27 2.22
CA GLU A 423 -10.43 26.70 1.90
C GLU A 423 -9.41 27.09 0.84
N ASP A 424 -8.18 26.62 1.05
CA ASP A 424 -7.07 26.89 0.12
C ASP A 424 -7.40 26.36 -1.26
N MET A 425 -7.92 25.13 -1.29
CA MET A 425 -8.30 24.47 -2.54
C MET A 425 -9.36 25.30 -3.27
N ALA A 426 -10.35 25.76 -2.50
CA ALA A 426 -11.43 26.58 -3.03
C ALA A 426 -10.88 27.85 -3.65
N ALA A 427 -9.95 28.48 -2.93
CA ALA A 427 -9.29 29.70 -3.39
C ALA A 427 -8.58 29.48 -4.71
N LEU A 428 -7.87 28.35 -4.78
CA LEU A 428 -7.14 27.94 -5.98
C LEU A 428 -8.10 27.82 -7.17
N GLU A 429 -9.23 27.16 -6.90
CA GLU A 429 -10.26 26.95 -7.90
C GLU A 429 -10.77 28.28 -8.44
N LYS A 430 -11.03 29.19 -7.49
CA LYS A 430 -11.51 30.54 -7.78
C LYS A 430 -10.53 31.26 -8.69
N ASP A 431 -9.25 31.15 -8.34
CA ASP A 431 -8.16 31.77 -9.09
C ASP A 431 -8.16 31.26 -10.52
N TYR A 432 -8.29 29.94 -10.65
CA TYR A 432 -8.32 29.29 -11.96
C TYR A 432 -9.47 29.83 -12.80
N GLU A 433 -10.64 29.95 -12.16
CA GLU A 433 -11.84 30.45 -12.80
C GLU A 433 -11.60 31.87 -13.32
N GLU A 434 -10.98 32.69 -12.47
CA GLU A 434 -10.66 34.08 -12.79
C GLU A 434 -9.76 34.15 -14.02
N VAL A 435 -8.75 33.28 -14.01
CA VAL A 435 -7.79 33.17 -15.10
C VAL A 435 -8.50 32.85 -16.41
N GLY A 436 -9.40 31.87 -16.32
CA GLY A 436 -10.20 31.44 -17.46
C GLY A 436 -11.00 32.59 -18.04
N VAL A 437 -11.63 33.34 -17.13
CA VAL A 437 -12.42 34.51 -17.50
C VAL A 437 -11.57 35.54 -18.25
N MET B 1 13.73 -5.30 9.91
CA MET B 1 12.77 -4.55 10.80
C MET B 1 11.39 -5.22 10.83
N ARG B 2 10.54 -4.70 11.71
CA ARG B 2 9.12 -5.05 11.79
C ARG B 2 8.82 -6.51 12.16
N GLU B 3 9.44 -6.99 13.23
CA GLU B 3 9.32 -8.39 13.63
C GLU B 3 8.06 -8.65 14.47
N ILE B 4 7.44 -9.82 14.28
CA ILE B 4 6.15 -10.14 14.92
C ILE B 4 6.25 -11.28 15.93
N VAL B 5 5.60 -11.08 17.08
CA VAL B 5 5.56 -12.03 18.19
C VAL B 5 4.26 -12.83 18.11
N HIS B 6 4.37 -14.16 18.10
CA HIS B 6 3.22 -15.04 17.90
C HIS B 6 2.81 -15.71 19.19
N ILE B 7 1.51 -15.70 19.47
CA ILE B 7 0.97 -16.37 20.67
C ILE B 7 -0.21 -17.26 20.32
N GLN B 8 -0.19 -18.48 20.84
CA GLN B 8 -1.33 -19.41 20.73
C GLN B 8 -1.86 -19.73 22.11
N ALA B 9 -3.15 -19.49 22.35
CA ALA B 9 -3.78 -19.69 23.67
C ALA B 9 -5.08 -20.50 23.55
N GLY B 10 -5.19 -21.56 24.35
CA GLY B 10 -6.30 -22.50 24.24
C GLY B 10 -6.07 -23.51 23.14
N GLN B 11 -6.95 -24.49 23.08
CA GLN B 11 -6.73 -25.70 22.32
C GLN B 11 -6.77 -25.39 20.84
N CYS B 12 -7.89 -24.78 20.45
CA CYS B 12 -8.15 -24.32 19.07
C CYS B 12 -6.98 -23.52 18.53
N GLY B 13 -6.66 -22.48 19.30
CA GLY B 13 -5.63 -21.54 18.97
C GLY B 13 -4.31 -22.24 18.76
N ASN B 14 -4.00 -23.20 19.65
CA ASN B 14 -2.77 -23.96 19.59
C ASN B 14 -2.66 -24.88 18.37
N GLN B 15 -3.77 -25.54 18.06
CA GLN B 15 -3.75 -26.50 16.95
C GLN B 15 -3.68 -25.78 15.61
N ILE B 16 -4.43 -24.69 15.48
CA ILE B 16 -4.38 -23.83 14.28
C ILE B 16 -2.97 -23.30 14.09
N GLY B 17 -2.43 -22.78 15.18
CA GLY B 17 -1.10 -22.21 15.19
C GLY B 17 -0.01 -23.18 14.76
N ALA B 18 -0.09 -24.43 15.21
CA ALA B 18 0.84 -25.46 14.73
C ALA B 18 0.85 -25.52 13.19
N LYS B 19 -0.34 -25.60 12.62
CA LYS B 19 -0.48 -25.66 11.17
C LYS B 19 0.05 -24.41 10.51
N PHE B 20 -0.22 -23.26 11.10
CA PHE B 20 0.26 -21.98 10.60
C PHE B 20 1.79 -22.00 10.48
N TRP B 21 2.43 -22.47 11.53
CA TRP B 21 3.88 -22.54 11.55
C TRP B 21 4.41 -23.48 10.50
N GLU B 22 3.74 -24.61 10.36
CA GLU B 22 4.06 -25.63 9.37
C GLU B 22 4.03 -25.03 7.95
N VAL B 23 2.97 -24.29 7.67
CA VAL B 23 2.79 -23.64 6.39
C VAL B 23 3.95 -22.66 6.13
N ILE B 24 4.20 -21.86 7.15
CA ILE B 24 5.12 -20.75 6.94
C ILE B 24 6.54 -21.29 6.83
N SER B 25 6.85 -22.31 7.61
CA SER B 25 8.13 -22.97 7.53
C SER B 25 8.35 -23.49 6.12
N ASP B 26 7.33 -24.14 5.55
CA ASP B 26 7.43 -24.62 4.18
C ASP B 26 7.70 -23.48 3.20
N GLU B 27 6.95 -22.40 3.38
CA GLU B 27 7.06 -21.20 2.56
C GLU B 27 8.49 -20.66 2.58
N HIS B 28 9.11 -20.62 3.75
CA HIS B 28 10.44 -20.02 3.90
C HIS B 28 11.56 -21.05 3.79
N GLY B 29 11.23 -22.28 3.39
CA GLY B 29 12.25 -23.31 3.17
C GLY B 29 12.89 -23.85 4.45
N ILE B 30 12.18 -23.76 5.56
CA ILE B 30 12.67 -24.22 6.86
C ILE B 30 12.16 -25.65 7.11
N ASP B 31 13.05 -26.61 7.33
CA ASP B 31 12.59 -27.99 7.53
C ASP B 31 12.33 -28.27 9.04
N PRO B 32 11.72 -29.42 9.37
CA PRO B 32 11.39 -29.67 10.77
C PRO B 32 12.58 -29.71 11.73
N THR B 33 13.80 -29.73 11.21
CA THR B 33 14.99 -29.69 12.07
C THR B 33 15.44 -28.25 12.34
N GLY B 34 14.70 -27.28 11.79
CA GLY B 34 15.06 -25.88 11.93
C GLY B 34 16.16 -25.41 10.99
N SER B 35 16.48 -26.23 10.00
CA SER B 35 17.49 -25.89 9.01
C SER B 35 16.82 -25.34 7.76
N TYR B 36 17.49 -24.40 7.12
CA TYR B 36 17.07 -23.84 5.84
C TYR B 36 17.57 -24.69 4.67
N HIS B 37 16.67 -25.07 3.77
CA HIS B 37 17.03 -25.82 2.57
C HIS B 37 16.29 -25.29 1.33
N GLY B 38 16.24 -23.96 1.23
CA GLY B 38 15.54 -23.29 0.14
C GLY B 38 16.43 -23.00 -1.04
N ASP B 39 15.84 -22.40 -2.08
CA ASP B 39 16.50 -22.19 -3.37
C ASP B 39 16.59 -20.71 -3.76
N SER B 40 16.09 -19.82 -2.92
CA SER B 40 16.05 -18.41 -3.25
C SER B 40 16.58 -17.56 -2.10
N ASP B 41 17.29 -16.49 -2.43
CA ASP B 41 17.74 -15.54 -1.41
C ASP B 41 16.56 -14.72 -0.87
N LEU B 42 15.51 -14.60 -1.67
CA LEU B 42 14.30 -13.93 -1.21
C LEU B 42 13.69 -14.67 -0.03
N GLN B 43 13.93 -15.96 0.05
CA GLN B 43 13.37 -16.81 1.10
C GLN B 43 13.88 -16.44 2.51
N LEU B 44 15.10 -15.93 2.60
CA LEU B 44 15.73 -15.63 3.89
C LEU B 44 15.75 -14.15 4.25
N GLU B 45 15.56 -13.30 3.24
CA GLU B 45 15.75 -11.86 3.38
C GLU B 45 15.08 -11.29 4.61
N ARG B 46 13.83 -11.69 4.82
CA ARG B 46 13.03 -11.12 5.90
C ARG B 46 12.54 -12.23 6.84
N ILE B 47 13.32 -13.30 6.96
CA ILE B 47 12.98 -14.44 7.80
C ILE B 47 12.83 -14.03 9.27
N ASN B 48 13.52 -12.95 9.64
CA ASN B 48 13.48 -12.31 10.95
C ASN B 48 12.08 -12.00 11.44
N VAL B 49 11.17 -11.78 10.50
CA VAL B 49 9.81 -11.39 10.86
C VAL B 49 9.14 -12.44 11.74
N TYR B 50 9.37 -13.71 11.45
CA TYR B 50 8.81 -14.78 12.29
C TYR B 50 9.81 -15.60 13.08
N TYR B 51 11.06 -15.63 12.64
CA TYR B 51 12.04 -16.55 13.20
C TYR B 51 13.25 -15.84 13.84
N ASN B 52 13.80 -16.48 14.88
CA ASN B 52 15.16 -16.18 15.38
C ASN B 52 16.19 -17.24 14.97
N GLU B 53 17.40 -16.81 14.67
CA GLU B 53 18.48 -17.71 14.32
C GLU B 53 19.34 -18.10 15.52
N ALA B 54 19.78 -19.34 15.56
CA ALA B 54 20.67 -19.84 16.60
C ALA B 54 21.92 -20.40 15.96
N ALA B 55 22.87 -20.81 16.79
CA ALA B 55 24.12 -21.37 16.30
C ALA B 55 23.87 -22.64 15.48
N GLY B 56 24.56 -22.75 14.36
CA GLY B 56 24.43 -23.90 13.48
C GLY B 56 23.25 -23.77 12.54
N ASN B 57 23.00 -22.53 12.11
CA ASN B 57 21.92 -22.24 11.17
C ASN B 57 20.60 -22.87 11.61
N LYS B 58 20.29 -22.75 12.89
CA LYS B 58 18.98 -23.19 13.41
C LYS B 58 18.04 -21.99 13.45
N TYR B 59 16.81 -22.17 12.98
CA TYR B 59 15.83 -21.10 13.04
C TYR B 59 14.67 -21.53 13.93
N VAL B 60 14.20 -20.58 14.72
CA VAL B 60 13.23 -20.83 15.77
C VAL B 60 12.10 -19.81 15.73
N PRO B 61 10.84 -20.28 15.58
CA PRO B 61 9.73 -19.35 15.63
C PRO B 61 9.72 -18.49 16.87
N ARG B 62 9.47 -17.19 16.72
CA ARG B 62 9.23 -16.35 17.90
C ARG B 62 7.76 -16.52 18.29
N ALA B 63 7.54 -17.69 18.90
CA ALA B 63 6.23 -18.21 19.19
C ALA B 63 6.12 -18.63 20.65
N ILE B 64 4.96 -18.36 21.24
CA ILE B 64 4.66 -18.75 22.61
C ILE B 64 3.40 -19.61 22.62
N LEU B 65 3.51 -20.78 23.26
CA LEU B 65 2.40 -21.72 23.37
C LEU B 65 1.89 -21.72 24.80
N VAL B 66 0.61 -21.38 24.96
CA VAL B 66 0.00 -21.24 26.28
C VAL B 66 -1.23 -22.12 26.43
N ASP B 67 -1.34 -22.80 27.57
CA ASP B 67 -2.49 -23.66 27.85
C ASP B 67 -2.58 -23.91 29.34
N LEU B 68 -3.80 -24.15 29.82
CA LEU B 68 -4.02 -24.43 31.23
C LEU B 68 -4.04 -25.92 31.53
N GLU B 69 -3.92 -26.75 30.49
CA GLU B 69 -3.76 -28.19 30.66
C GLU B 69 -2.66 -28.63 29.69
N PRO B 70 -2.04 -29.80 29.93
CA PRO B 70 -0.85 -30.14 29.17
C PRO B 70 -1.09 -30.88 27.85
N GLY B 71 -2.25 -31.51 27.69
CA GLY B 71 -2.44 -32.54 26.69
C GLY B 71 -2.20 -32.02 25.30
N THR B 72 -2.77 -30.84 25.04
CA THR B 72 -2.75 -30.25 23.70
C THR B 72 -1.31 -29.96 23.28
N MET B 73 -0.59 -29.33 24.19
CA MET B 73 0.78 -28.97 23.91
C MET B 73 1.63 -30.22 23.80
N ASP B 74 1.36 -31.26 24.60
CA ASP B 74 2.08 -32.52 24.45
C ASP B 74 1.89 -33.10 23.05
N SER B 75 0.65 -33.05 22.57
CA SER B 75 0.34 -33.53 21.24
C SER B 75 1.10 -32.73 20.18
N VAL B 76 1.16 -31.41 20.38
CA VAL B 76 1.88 -30.50 19.50
C VAL B 76 3.34 -30.94 19.42
N ARG B 77 3.93 -31.17 20.59
CA ARG B 77 5.31 -31.58 20.73
C ARG B 77 5.57 -32.88 19.97
N SER B 78 4.65 -33.83 20.14
CA SER B 78 4.78 -35.13 19.52
C SER B 78 4.72 -35.00 18.02
N GLY B 79 3.96 -33.99 17.54
CA GLY B 79 3.80 -33.75 16.11
C GLY B 79 5.08 -33.49 15.33
N PRO B 80 4.97 -33.39 13.99
CA PRO B 80 6.15 -33.31 13.12
C PRO B 80 6.99 -32.06 13.34
N PHE B 81 6.35 -30.89 13.32
CA PHE B 81 7.04 -29.61 13.47
C PHE B 81 7.17 -29.17 14.94
N GLY B 82 6.60 -29.97 15.85
CA GLY B 82 6.63 -29.67 17.27
C GLY B 82 8.02 -29.50 17.84
N GLN B 83 8.99 -30.25 17.32
CA GLN B 83 10.35 -30.20 17.85
C GLN B 83 11.11 -28.96 17.38
N ILE B 84 10.52 -28.14 16.50
CA ILE B 84 11.18 -26.90 16.07
C ILE B 84 11.08 -25.80 17.15
N PHE B 85 10.09 -25.88 18.01
CA PHE B 85 9.83 -24.84 19.00
C PHE B 85 10.86 -24.91 20.13
N ARG B 86 11.25 -23.75 20.67
CA ARG B 86 12.16 -23.75 21.81
C ARG B 86 11.36 -24.21 23.04
N PRO B 87 11.87 -25.23 23.74
CA PRO B 87 11.09 -25.84 24.81
C PRO B 87 10.66 -24.88 25.91
N ASP B 88 11.45 -23.87 26.22
CA ASP B 88 11.08 -22.87 27.23
C ASP B 88 9.92 -21.96 26.80
N ASN B 89 9.46 -22.10 25.56
CA ASN B 89 8.35 -21.30 25.06
C ASN B 89 6.96 -21.98 25.25
N PHE B 90 6.96 -23.16 25.86
CA PHE B 90 5.75 -23.84 26.28
C PHE B 90 5.46 -23.38 27.69
N VAL B 91 4.36 -22.67 27.89
CA VAL B 91 3.96 -22.24 29.22
C VAL B 91 2.60 -22.86 29.51
N PHE B 92 2.53 -23.75 30.50
CA PHE B 92 1.28 -24.48 30.72
C PHE B 92 1.03 -24.91 32.15
N GLY B 93 -0.26 -24.96 32.49
CA GLY B 93 -0.71 -25.46 33.79
C GLY B 93 -1.25 -26.87 33.68
N GLN B 94 -1.82 -27.34 34.78
CA GLN B 94 -2.44 -28.66 34.86
C GLN B 94 -3.92 -28.61 35.26
N SER B 95 -4.36 -27.51 35.86
CA SER B 95 -5.76 -27.42 36.30
C SER B 95 -6.64 -26.94 35.15
N GLY B 96 -7.73 -27.67 34.90
CA GLY B 96 -8.53 -27.48 33.69
C GLY B 96 -9.31 -26.20 33.71
N ALA B 97 -9.84 -25.80 32.56
CA ALA B 97 -10.51 -24.50 32.37
C ALA B 97 -12.05 -24.59 32.34
N GLY B 98 -12.59 -25.80 32.19
CA GLY B 98 -14.03 -26.00 32.24
C GLY B 98 -14.86 -25.14 31.31
N ASN B 99 -14.32 -24.80 30.13
CA ASN B 99 -14.99 -23.90 29.20
C ASN B 99 -15.51 -22.65 29.89
N ASN B 100 -14.68 -22.13 30.77
CA ASN B 100 -15.09 -21.10 31.72
C ASN B 100 -14.17 -19.91 31.61
N TRP B 101 -14.71 -18.81 31.07
CA TRP B 101 -13.99 -17.56 30.96
C TRP B 101 -13.42 -17.10 32.31
N ALA B 102 -14.18 -17.29 33.38
CA ALA B 102 -13.72 -16.90 34.70
C ALA B 102 -12.43 -17.61 35.09
N LYS B 103 -12.34 -18.90 34.81
CA LYS B 103 -11.12 -19.67 35.11
C LYS B 103 -9.93 -19.14 34.29
N GLY B 104 -10.18 -18.83 33.03
CA GLY B 104 -9.13 -18.33 32.15
C GLY B 104 -8.67 -16.93 32.51
N HIS B 105 -9.61 -16.07 32.85
CA HIS B 105 -9.31 -14.63 33.02
C HIS B 105 -9.00 -14.22 34.46
N TYR B 106 -9.68 -14.82 35.43
CA TYR B 106 -9.63 -14.34 36.82
C TYR B 106 -8.75 -15.17 37.74
N THR B 107 -8.81 -16.49 37.59
CA THR B 107 -8.29 -17.40 38.61
C THR B 107 -7.10 -18.21 38.08
N GLU B 108 -7.37 -19.32 37.41
CA GLU B 108 -6.26 -20.17 36.98
C GLU B 108 -5.36 -19.47 35.99
N GLY B 109 -5.93 -18.70 35.06
CA GLY B 109 -5.13 -17.95 34.10
C GLY B 109 -4.29 -16.88 34.75
N ALA B 110 -4.84 -16.24 35.77
CA ALA B 110 -4.12 -15.20 36.50
C ALA B 110 -2.85 -15.77 37.13
N GLU B 111 -2.88 -17.02 37.53
CA GLU B 111 -1.71 -17.64 38.16
C GLU B 111 -0.55 -17.84 37.18
N LEU B 112 -0.88 -18.10 35.92
CA LEU B 112 0.12 -18.40 34.89
C LEU B 112 0.59 -17.17 34.06
N VAL B 113 -0.20 -16.12 34.04
CA VAL B 113 0.00 -15.04 33.08
C VAL B 113 1.34 -14.31 33.20
N ASP B 114 1.82 -14.14 34.42
CA ASP B 114 3.05 -13.40 34.63
C ASP B 114 4.22 -14.10 33.96
N SER B 115 4.25 -15.43 34.08
CA SER B 115 5.30 -16.23 33.45
C SER B 115 5.28 -16.11 31.93
N VAL B 116 4.08 -16.04 31.37
CA VAL B 116 3.92 -15.84 29.94
C VAL B 116 4.49 -14.46 29.56
N LEU B 117 4.07 -13.45 30.32
CA LEU B 117 4.51 -12.08 30.09
C LEU B 117 6.01 -11.95 30.10
N ASP B 118 6.69 -12.68 30.98
CA ASP B 118 8.14 -12.62 31.01
C ASP B 118 8.74 -13.12 29.68
N VAL B 119 8.20 -14.20 29.16
CA VAL B 119 8.70 -14.72 27.89
C VAL B 119 8.42 -13.72 26.77
N VAL B 120 7.24 -13.12 26.81
CA VAL B 120 6.87 -12.10 25.83
C VAL B 120 7.92 -10.98 25.85
N ARG B 121 8.27 -10.55 27.06
CA ARG B 121 9.24 -9.47 27.27
C ARG B 121 10.58 -9.83 26.67
N LYS B 122 11.02 -11.07 26.85
CA LYS B 122 12.30 -11.50 26.30
C LYS B 122 12.30 -11.43 24.78
N GLU B 123 11.21 -11.91 24.19
CA GLU B 123 11.06 -11.87 22.74
C GLU B 123 11.08 -10.42 22.23
N SER B 124 10.40 -9.55 22.96
CA SER B 124 10.37 -8.14 22.60
C SER B 124 11.77 -7.54 22.62
N GLU B 125 12.52 -7.90 23.66
CA GLU B 125 13.90 -7.43 23.83
C GLU B 125 14.85 -7.95 22.76
N SER B 126 14.55 -9.14 22.24
CA SER B 126 15.30 -9.75 21.15
C SER B 126 14.97 -9.19 19.75
N CYS B 127 14.00 -8.28 19.67
CA CYS B 127 13.57 -7.70 18.41
C CYS B 127 14.37 -6.45 18.04
N ASP B 128 14.86 -6.43 16.80
CA ASP B 128 15.46 -5.23 16.23
C ASP B 128 14.42 -4.09 16.21
N CYS B 129 13.21 -4.42 15.77
CA CYS B 129 12.10 -3.49 15.80
C CYS B 129 10.76 -4.24 15.77
N LEU B 130 10.20 -4.40 16.96
CA LEU B 130 8.89 -5.03 17.16
C LEU B 130 7.77 -4.35 16.37
N GLN B 131 7.11 -5.10 15.49
CA GLN B 131 5.94 -4.59 14.78
C GLN B 131 4.69 -4.79 15.60
N GLY B 132 4.46 -6.02 16.02
CA GLY B 132 3.22 -6.33 16.70
C GLY B 132 3.10 -7.75 17.17
N PHE B 133 1.88 -8.14 17.56
CA PHE B 133 1.58 -9.44 18.17
C PHE B 133 0.43 -10.08 17.42
N GLN B 134 0.56 -11.38 17.12
CA GLN B 134 -0.45 -12.19 16.45
C GLN B 134 -0.94 -13.27 17.42
N LEU B 135 -2.23 -13.28 17.70
CA LEU B 135 -2.80 -14.31 18.59
C LEU B 135 -3.77 -15.21 17.89
N THR B 136 -3.77 -16.46 18.32
CA THR B 136 -4.74 -17.43 17.87
C THR B 136 -5.56 -17.91 19.06
N HIS B 137 -6.89 -17.76 18.97
CA HIS B 137 -7.83 -18.32 19.94
C HIS B 137 -9.12 -18.85 19.34
N SER B 138 -9.89 -19.49 20.23
CA SER B 138 -11.34 -19.62 20.08
C SER B 138 -12.00 -18.50 20.89
N LEU B 139 -13.26 -18.23 20.56
CA LEU B 139 -14.07 -17.25 21.30
C LEU B 139 -14.94 -17.94 22.38
N GLY B 140 -15.26 -19.21 22.14
CA GLY B 140 -16.27 -19.91 22.93
C GLY B 140 -15.81 -20.79 24.07
N GLY B 141 -14.49 -20.93 24.27
CA GLY B 141 -13.94 -21.78 25.33
C GLY B 141 -13.60 -20.98 26.57
N GLY B 142 -12.73 -21.52 27.42
CA GLY B 142 -12.26 -20.85 28.63
C GLY B 142 -10.86 -20.27 28.52
N THR B 143 -9.94 -21.02 27.91
CA THR B 143 -8.56 -20.61 27.79
C THR B 143 -8.40 -19.49 26.75
N GLY B 144 -8.78 -19.78 25.51
CA GLY B 144 -8.65 -18.80 24.44
C GLY B 144 -9.46 -17.55 24.77
N SER B 145 -10.64 -17.75 25.34
CA SER B 145 -11.55 -16.63 25.63
C SER B 145 -11.09 -15.82 26.84
N GLY B 146 -10.99 -16.49 27.99
CA GLY B 146 -10.63 -15.83 29.24
C GLY B 146 -9.15 -15.49 29.36
N MET B 147 -8.32 -16.53 29.22
CA MET B 147 -6.87 -16.32 29.30
C MET B 147 -6.43 -15.42 28.14
N GLY B 148 -6.99 -15.65 26.95
CA GLY B 148 -6.53 -14.94 25.77
C GLY B 148 -6.77 -13.45 25.91
N THR B 149 -7.99 -13.13 26.32
CA THR B 149 -8.41 -11.75 26.58
C THR B 149 -7.49 -11.09 27.59
N LEU B 150 -7.20 -11.82 28.67
CA LEU B 150 -6.32 -11.34 29.73
C LEU B 150 -4.96 -10.95 29.15
N LEU B 151 -4.42 -11.87 28.35
CA LEU B 151 -3.07 -11.71 27.85
C LEU B 151 -2.96 -10.46 26.97
N ILE B 152 -3.96 -10.29 26.12
CA ILE B 152 -4.02 -9.17 25.18
C ILE B 152 -4.02 -7.86 25.95
N SER B 153 -4.82 -7.79 27.02
CA SER B 153 -4.94 -6.61 27.84
C SER B 153 -3.57 -6.22 28.42
N LYS B 154 -2.89 -7.22 28.93
CA LYS B 154 -1.60 -6.95 29.57
C LYS B 154 -0.60 -6.50 28.51
N ILE B 155 -0.65 -7.09 27.32
CA ILE B 155 0.34 -6.75 26.30
C ILE B 155 0.07 -5.34 25.78
N ARG B 156 -1.19 -4.95 25.62
CA ARG B 156 -1.47 -3.60 25.17
C ARG B 156 -1.06 -2.56 26.19
N GLU B 157 -1.19 -2.88 27.47
CA GLU B 157 -0.70 -1.98 28.52
C GLU B 157 0.81 -1.76 28.39
N GLU B 158 1.54 -2.84 28.11
CA GLU B 158 2.99 -2.78 27.97
C GLU B 158 3.50 -2.26 26.61
N TYR B 159 2.74 -2.51 25.55
CA TYR B 159 3.13 -2.13 24.19
C TYR B 159 1.97 -1.40 23.49
N PRO B 160 1.56 -0.27 24.05
CA PRO B 160 0.32 0.34 23.56
C PRO B 160 0.47 0.96 22.16
N ASP B 161 1.70 1.08 21.66
CA ASP B 161 1.97 1.67 20.35
C ASP B 161 2.16 0.64 19.24
N ARG B 162 1.92 -0.64 19.56
CA ARG B 162 2.16 -1.70 18.61
C ARG B 162 0.86 -2.33 18.11
N ILE B 163 0.99 -3.09 17.03
CA ILE B 163 -0.16 -3.70 16.34
C ILE B 163 -0.61 -4.96 17.06
N MET B 164 -1.91 -5.11 17.31
CA MET B 164 -2.42 -6.27 18.03
C MET B 164 -3.48 -6.91 17.17
N ASN B 165 -3.19 -8.10 16.62
CA ASN B 165 -4.15 -8.75 15.73
C ASN B 165 -4.41 -10.17 16.15
N THR B 166 -5.65 -10.60 15.97
CA THR B 166 -6.06 -11.91 16.42
C THR B 166 -6.75 -12.68 15.29
N PHE B 167 -6.54 -14.00 15.25
CA PHE B 167 -7.32 -14.88 14.41
C PHE B 167 -8.18 -15.66 15.37
N SER B 168 -9.48 -15.34 15.37
CA SER B 168 -10.39 -15.76 16.42
C SER B 168 -11.50 -16.63 15.83
N VAL B 169 -11.55 -17.89 16.25
CA VAL B 169 -12.56 -18.82 15.77
C VAL B 169 -13.85 -18.66 16.58
N VAL B 170 -14.93 -18.27 15.89
CA VAL B 170 -16.17 -17.84 16.54
C VAL B 170 -17.31 -18.86 16.42
N PRO B 171 -18.39 -18.67 17.21
CA PRO B 171 -19.49 -19.63 17.15
C PRO B 171 -20.29 -19.54 15.86
N SER B 172 -20.92 -20.65 15.46
CA SER B 172 -21.78 -20.68 14.27
C SER B 172 -23.20 -21.01 14.77
N PRO B 173 -24.14 -20.06 14.64
CA PRO B 173 -25.39 -20.18 15.40
C PRO B 173 -26.22 -21.44 15.08
N LYS B 174 -26.06 -21.98 13.87
CA LYS B 174 -26.85 -23.15 13.47
C LYS B 174 -26.30 -24.43 14.09
N VAL B 175 -25.01 -24.41 14.45
CA VAL B 175 -24.39 -25.59 15.05
C VAL B 175 -23.46 -25.14 16.15
N SER B 176 -24.03 -24.98 17.34
CA SER B 176 -23.24 -24.67 18.54
C SER B 176 -22.38 -25.87 18.93
N ASP B 177 -21.16 -25.62 19.38
CA ASP B 177 -20.23 -26.66 19.81
C ASP B 177 -20.10 -26.80 21.32
N THR B 178 -20.42 -25.77 22.10
CA THR B 178 -20.53 -25.89 23.57
C THR B 178 -21.79 -25.20 24.11
N VAL B 179 -22.14 -25.53 25.35
CA VAL B 179 -23.38 -25.07 25.95
C VAL B 179 -23.25 -23.64 26.45
N VAL B 180 -22.09 -23.32 27.00
CA VAL B 180 -21.88 -21.94 27.51
C VAL B 180 -21.26 -21.01 26.46
N GLU B 181 -21.32 -21.41 25.20
CA GLU B 181 -20.59 -20.72 24.12
C GLU B 181 -20.90 -19.23 24.07
N PRO B 182 -22.20 -18.85 24.16
CA PRO B 182 -22.59 -17.45 24.09
C PRO B 182 -21.98 -16.63 25.19
N TYR B 183 -21.88 -17.21 26.40
CA TYR B 183 -21.29 -16.54 27.54
C TYR B 183 -19.82 -16.26 27.25
N ASN B 184 -19.11 -17.29 26.81
CA ASN B 184 -17.69 -17.15 26.59
C ASN B 184 -17.41 -16.13 25.49
N ALA B 185 -18.19 -16.19 24.42
CA ALA B 185 -17.95 -15.31 23.29
C ALA B 185 -18.21 -13.87 23.67
N THR B 186 -19.34 -13.62 24.33
CA THR B 186 -19.70 -12.24 24.63
C THR B 186 -18.68 -11.62 25.59
N LEU B 187 -18.26 -12.40 26.57
CA LEU B 187 -17.28 -11.91 27.53
C LEU B 187 -15.97 -11.59 26.85
N SER B 188 -15.56 -12.42 25.89
CA SER B 188 -14.32 -12.18 25.16
C SER B 188 -14.44 -10.90 24.31
N VAL B 189 -15.47 -10.84 23.49
CA VAL B 189 -15.62 -9.75 22.54
C VAL B 189 -15.66 -8.40 23.23
N HIS B 190 -16.37 -8.33 24.36
CA HIS B 190 -16.37 -7.16 25.24
C HIS B 190 -14.97 -6.58 25.44
N GLN B 191 -13.95 -7.43 25.55
CA GLN B 191 -12.59 -6.93 25.70
C GLN B 191 -11.77 -6.83 24.39
N LEU B 192 -12.07 -7.68 23.42
CA LEU B 192 -11.45 -7.57 22.09
C LEU B 192 -11.80 -6.27 21.37
N VAL B 193 -13.03 -5.80 21.52
CA VAL B 193 -13.44 -4.53 20.90
C VAL B 193 -12.49 -3.41 21.33
N GLU B 194 -12.09 -3.44 22.60
CA GLU B 194 -11.30 -2.37 23.17
C GLU B 194 -9.83 -2.57 22.90
N ASN B 195 -9.33 -3.81 22.97
CA ASN B 195 -7.88 -4.04 23.07
C ASN B 195 -7.20 -4.72 21.87
N THR B 196 -7.88 -4.76 20.73
CA THR B 196 -7.25 -5.24 19.49
C THR B 196 -7.49 -4.25 18.38
N ASP B 197 -6.53 -4.19 17.46
CA ASP B 197 -6.62 -3.36 16.26
C ASP B 197 -7.28 -4.09 15.10
N GLU B 198 -7.17 -5.41 15.04
CA GLU B 198 -7.90 -6.18 14.06
C GLU B 198 -8.12 -7.61 14.50
N THR B 199 -9.32 -8.11 14.21
CA THR B 199 -9.65 -9.49 14.52
C THR B 199 -10.27 -10.17 13.29
N TYR B 200 -9.65 -11.27 12.87
CA TYR B 200 -10.11 -12.01 11.70
C TYR B 200 -11.07 -13.08 12.19
N CYS B 201 -12.32 -12.98 11.76
CA CYS B 201 -13.41 -13.74 12.35
C CYS B 201 -13.74 -14.95 11.51
N ILE B 202 -13.35 -16.13 11.99
CA ILE B 202 -13.66 -17.37 11.28
C ILE B 202 -14.70 -18.18 12.03
N ASP B 203 -15.67 -18.69 11.27
CA ASP B 203 -16.66 -19.66 11.77
C ASP B 203 -16.63 -20.94 10.94
N ASN B 204 -16.59 -22.06 11.67
CA ASN B 204 -16.33 -23.37 11.11
C ASN B 204 -17.38 -23.79 10.10
N GLU B 205 -18.62 -23.33 10.28
CA GLU B 205 -19.71 -23.55 9.34
C GLU B 205 -19.31 -23.12 7.92
N ALA B 206 -18.79 -21.90 7.85
CA ALA B 206 -18.40 -21.35 6.57
C ALA B 206 -17.29 -22.18 5.94
N LEU B 207 -16.33 -22.60 6.76
CA LEU B 207 -15.25 -23.44 6.28
C LEU B 207 -15.77 -24.75 5.73
N TYR B 208 -16.71 -25.35 6.45
CA TYR B 208 -17.32 -26.61 6.01
C TYR B 208 -17.99 -26.41 4.65
N ASP B 209 -18.72 -25.31 4.53
CA ASP B 209 -19.39 -24.98 3.28
C ASP B 209 -18.40 -24.86 2.12
N ILE B 210 -17.28 -24.19 2.39
CA ILE B 210 -16.20 -24.05 1.41
C ILE B 210 -15.69 -25.42 0.96
N CYS B 211 -15.44 -26.25 1.96
CA CYS B 211 -14.90 -27.59 1.75
C CYS B 211 -15.83 -28.41 0.86
N PHE B 212 -17.12 -28.34 1.16
CA PHE B 212 -18.08 -29.17 0.46
C PHE B 212 -18.22 -28.65 -0.96
N ARG B 213 -18.48 -27.36 -1.10
CA ARG B 213 -18.97 -26.85 -2.41
C ARG B 213 -17.85 -26.76 -3.43
N THR B 214 -16.76 -26.10 -3.03
CA THR B 214 -15.68 -25.81 -3.97
C THR B 214 -14.60 -26.88 -3.98
N LEU B 215 -14.13 -27.28 -2.81
CA LEU B 215 -13.03 -28.24 -2.74
C LEU B 215 -13.50 -29.67 -3.01
N LYS B 216 -14.82 -29.85 -3.07
CA LYS B 216 -15.45 -31.16 -3.29
C LYS B 216 -15.09 -32.19 -2.19
N LEU B 217 -14.95 -31.70 -0.96
CA LEU B 217 -14.48 -32.54 0.11
C LEU B 217 -15.68 -33.10 0.86
N THR B 218 -15.92 -34.40 0.70
CA THR B 218 -16.96 -35.07 1.46
C THR B 218 -16.63 -35.13 2.95
N THR B 219 -15.34 -35.22 3.29
CA THR B 219 -14.91 -35.52 4.65
C THR B 219 -13.81 -34.56 5.12
N PRO B 220 -14.20 -33.32 5.50
CA PRO B 220 -13.20 -32.34 5.97
C PRO B 220 -12.56 -32.78 7.29
N THR B 221 -11.24 -32.64 7.40
CA THR B 221 -10.54 -32.86 8.67
C THR B 221 -10.26 -31.50 9.28
N TYR B 222 -10.14 -31.46 10.60
CA TYR B 222 -9.79 -30.22 11.26
C TYR B 222 -8.48 -29.70 10.69
N GLY B 223 -7.59 -30.62 10.30
CA GLY B 223 -6.32 -30.26 9.69
C GLY B 223 -6.51 -29.43 8.45
N ASP B 224 -7.45 -29.86 7.61
CA ASP B 224 -7.74 -29.16 6.37
C ASP B 224 -8.35 -27.79 6.64
N LEU B 225 -9.25 -27.72 7.62
CA LEU B 225 -9.83 -26.44 7.99
C LEU B 225 -8.73 -25.47 8.49
N ASN B 226 -7.82 -26.02 9.28
CA ASN B 226 -6.74 -25.22 9.83
C ASN B 226 -5.85 -24.71 8.71
N HIS B 227 -5.60 -25.56 7.71
CA HIS B 227 -4.86 -25.18 6.50
C HIS B 227 -5.45 -23.97 5.83
N LEU B 228 -6.78 -23.94 5.71
CA LEU B 228 -7.46 -22.82 5.10
C LEU B 228 -7.20 -21.51 5.87
N VAL B 229 -7.32 -21.61 7.18
CA VAL B 229 -7.05 -20.45 8.03
C VAL B 229 -5.60 -19.99 7.90
N SER B 230 -4.72 -20.99 7.89
CA SER B 230 -3.29 -20.78 7.81
C SER B 230 -2.91 -20.02 6.56
N ALA B 231 -3.54 -20.41 5.45
CA ALA B 231 -3.30 -19.77 4.17
C ALA B 231 -3.69 -18.30 4.23
N THR B 232 -4.83 -18.00 4.86
CA THR B 232 -5.27 -16.61 5.03
C THR B 232 -4.23 -15.81 5.81
N MET B 233 -3.78 -16.43 6.90
CA MET B 233 -2.87 -15.79 7.83
C MET B 233 -1.56 -15.43 7.15
N SER B 234 -1.03 -16.41 6.43
CA SER B 234 0.21 -16.25 5.65
C SER B 234 0.08 -15.11 4.67
N GLY B 235 -1.07 -15.10 3.97
CA GLY B 235 -1.37 -14.10 2.97
C GLY B 235 -1.35 -12.71 3.56
N VAL B 236 -1.93 -12.57 4.75
CA VAL B 236 -2.04 -11.26 5.40
C VAL B 236 -0.68 -10.57 5.53
N THR B 237 0.36 -11.32 5.89
CA THR B 237 1.65 -10.72 6.21
C THR B 237 2.70 -10.93 5.13
N THR B 238 2.27 -11.41 3.96
CA THR B 238 3.20 -11.65 2.87
C THR B 238 4.03 -10.43 2.52
N CYS B 239 3.41 -9.26 2.53
CA CYS B 239 4.12 -8.07 2.10
C CYS B 239 5.05 -7.51 3.17
N LEU B 240 5.06 -8.09 4.38
CA LEU B 240 6.10 -7.74 5.35
C LEU B 240 7.35 -8.54 5.12
N ARG B 241 7.19 -9.70 4.48
CA ARG B 241 8.25 -10.69 4.38
C ARG B 241 8.85 -10.80 2.99
N PHE B 242 8.33 -10.05 2.04
CA PHE B 242 8.72 -10.20 0.64
C PHE B 242 8.63 -8.88 -0.11
N PRO B 243 9.19 -8.83 -1.34
CA PRO B 243 9.03 -7.65 -2.20
C PRO B 243 7.62 -7.45 -2.78
N GLY B 244 7.47 -6.40 -3.57
CA GLY B 244 6.20 -6.13 -4.25
C GLY B 244 6.20 -4.94 -5.16
N GLN B 245 5.14 -4.84 -5.95
CA GLN B 245 4.95 -3.71 -6.85
C GLN B 245 4.40 -2.59 -5.97
N LEU B 246 3.25 -2.87 -5.37
CA LEU B 246 2.65 -2.00 -4.36
C LEU B 246 2.56 -2.81 -3.07
N ASN B 247 3.20 -2.31 -2.01
CA ASN B 247 3.33 -3.06 -0.75
C ASN B 247 2.39 -2.65 0.37
N ALA B 248 2.13 -3.61 1.23
CA ALA B 248 1.21 -3.49 2.35
C ALA B 248 1.92 -3.85 3.67
N ASP B 249 1.93 -2.86 4.57
CA ASP B 249 2.31 -3.04 5.97
C ASP B 249 1.06 -3.49 6.73
N LEU B 250 1.25 -4.11 7.89
CA LEU B 250 0.12 -4.49 8.75
C LEU B 250 -0.65 -3.23 9.19
N ARG B 251 0.13 -2.25 9.65
CA ARG B 251 -0.41 -0.97 10.08
C ARG B 251 -1.16 -0.30 8.93
N LYS B 252 -0.58 -0.34 7.73
CA LYS B 252 -1.23 0.27 6.58
C LYS B 252 -2.56 -0.39 6.29
N LEU B 253 -2.61 -1.71 6.41
CA LEU B 253 -3.86 -2.45 6.22
C LEU B 253 -4.88 -2.01 7.24
N ALA B 254 -4.45 -1.86 8.49
CA ALA B 254 -5.36 -1.40 9.54
C ALA B 254 -5.93 -0.02 9.20
N VAL B 255 -5.04 0.85 8.76
CA VAL B 255 -5.42 2.21 8.41
C VAL B 255 -6.43 2.23 7.27
N ASN B 256 -6.23 1.37 6.28
CA ASN B 256 -7.13 1.25 5.12
C ASN B 256 -8.44 0.56 5.43
N MET B 257 -8.49 -0.28 6.45
CA MET B 257 -9.67 -1.07 6.75
C MET B 257 -10.48 -0.58 7.94
N VAL B 258 -9.98 0.38 8.71
CA VAL B 258 -10.64 0.83 9.93
C VAL B 258 -11.10 2.30 9.86
N PRO B 259 -12.36 2.54 9.45
CA PRO B 259 -12.84 3.93 9.42
C PRO B 259 -13.21 4.48 10.80
N PHE B 260 -13.55 3.60 11.73
CA PHE B 260 -13.87 3.97 13.10
C PHE B 260 -13.20 2.96 14.00
N PRO B 261 -12.67 3.41 15.15
CA PRO B 261 -11.90 2.57 16.07
C PRO B 261 -12.46 1.19 16.38
N ARG B 262 -13.76 1.08 16.58
CA ARG B 262 -14.38 -0.17 17.00
C ARG B 262 -14.55 -1.19 15.85
N LEU B 263 -14.63 -0.73 14.62
CA LEU B 263 -15.08 -1.62 13.55
C LEU B 263 -13.91 -2.30 12.89
N HIS B 264 -13.45 -3.37 13.52
CA HIS B 264 -12.24 -4.04 13.05
C HIS B 264 -12.40 -5.53 13.12
N PHE B 265 -13.58 -5.99 12.72
CA PHE B 265 -13.85 -7.42 12.65
C PHE B 265 -13.98 -7.78 11.19
N PHE B 266 -13.03 -8.57 10.67
CA PHE B 266 -12.96 -8.82 9.23
C PHE B 266 -13.40 -10.22 8.85
N MET B 267 -13.96 -10.33 7.65
CA MET B 267 -14.21 -11.62 7.05
C MET B 267 -13.07 -11.88 6.09
N PRO B 268 -12.27 -12.93 6.34
CA PRO B 268 -11.21 -13.33 5.42
C PRO B 268 -11.72 -14.24 4.32
N GLY B 269 -11.03 -14.21 3.20
CA GLY B 269 -11.32 -15.14 2.11
C GLY B 269 -10.05 -15.43 1.35
N PHE B 270 -10.15 -16.36 0.42
CA PHE B 270 -9.00 -16.87 -0.29
C PHE B 270 -9.34 -17.26 -1.72
N ALA B 271 -8.33 -17.20 -2.59
CA ALA B 271 -8.46 -17.70 -3.95
C ALA B 271 -7.10 -18.08 -4.51
N PRO B 272 -7.03 -19.14 -5.32
CA PRO B 272 -8.14 -19.98 -5.79
C PRO B 272 -8.60 -21.03 -4.79
N LEU B 273 -9.86 -21.42 -4.89
CA LEU B 273 -10.42 -22.52 -4.11
C LEU B 273 -11.20 -23.42 -5.06
N THR B 274 -10.57 -24.50 -5.52
CA THR B 274 -11.22 -25.54 -6.32
C THR B 274 -10.73 -26.95 -5.93
N SER B 275 -11.33 -27.97 -6.53
CA SER B 275 -10.93 -29.37 -6.27
C SER B 275 -9.71 -29.77 -7.11
N ARG B 276 -9.29 -31.02 -6.94
CA ARG B 276 -8.36 -31.67 -7.85
C ARG B 276 -9.15 -32.41 -8.93
N GLY B 277 -9.54 -31.68 -9.97
CA GLY B 277 -10.46 -32.19 -10.99
C GLY B 277 -11.25 -31.09 -11.65
N SER B 278 -11.72 -30.13 -10.85
CA SER B 278 -12.38 -28.91 -11.35
C SER B 278 -11.39 -27.73 -11.54
N GLN B 279 -10.11 -28.04 -11.73
CA GLN B 279 -9.08 -27.03 -12.05
C GLN B 279 -8.78 -26.94 -13.55
N GLN B 280 -8.76 -28.07 -14.25
CA GLN B 280 -8.50 -28.10 -15.70
C GLN B 280 -9.59 -27.41 -16.55
N TYR B 281 -10.80 -27.27 -16.01
CA TYR B 281 -11.85 -26.44 -16.66
C TYR B 281 -11.65 -24.92 -16.48
N ARG B 282 -10.60 -24.51 -15.74
CA ARG B 282 -10.36 -23.11 -15.42
C ARG B 282 -8.96 -22.67 -15.85
N ALA B 283 -8.83 -21.37 -16.17
CA ALA B 283 -7.54 -20.71 -16.31
C ALA B 283 -7.41 -19.71 -15.15
N LEU B 284 -6.18 -19.26 -14.89
CA LEU B 284 -5.87 -18.44 -13.71
C LEU B 284 -5.65 -16.97 -14.04
N THR B 285 -6.75 -16.23 -14.24
CA THR B 285 -6.68 -14.79 -14.50
C THR B 285 -6.95 -13.98 -13.25
N VAL B 286 -6.53 -12.73 -13.26
CA VAL B 286 -6.86 -11.81 -12.18
C VAL B 286 -8.40 -11.71 -12.05
N PRO B 287 -9.11 -11.51 -13.18
CA PRO B 287 -10.57 -11.58 -13.17
C PRO B 287 -11.15 -12.79 -12.48
N GLU B 288 -10.65 -13.97 -12.82
CA GLU B 288 -11.13 -15.24 -12.25
C GLU B 288 -10.96 -15.22 -10.73
N LEU B 289 -9.77 -14.82 -10.32
CA LEU B 289 -9.43 -14.81 -8.89
C LEU B 289 -10.33 -13.85 -8.15
N THR B 290 -10.55 -12.68 -8.75
CA THR B 290 -11.39 -11.67 -8.11
C THR B 290 -12.81 -12.19 -7.98
N GLN B 291 -13.29 -12.86 -9.03
CA GLN B 291 -14.63 -13.47 -9.04
C GLN B 291 -14.76 -14.46 -7.88
N GLN B 292 -13.73 -15.29 -7.72
CA GLN B 292 -13.70 -16.27 -6.64
C GLN B 292 -13.77 -15.60 -5.28
N MET B 293 -12.96 -14.55 -5.12
CA MET B 293 -12.83 -13.83 -3.87
C MET B 293 -14.11 -13.18 -3.44
N PHE B 294 -14.90 -12.70 -4.40
CA PHE B 294 -16.13 -12.03 -4.07
C PHE B 294 -17.33 -12.97 -4.13
N ASP B 295 -17.07 -14.26 -4.34
CA ASP B 295 -18.13 -15.28 -4.26
C ASP B 295 -18.44 -15.57 -2.78
N ALA B 296 -19.72 -15.51 -2.40
CA ALA B 296 -20.14 -15.77 -1.03
C ALA B 296 -19.65 -17.13 -0.52
N LYS B 297 -19.52 -18.08 -1.44
CA LYS B 297 -19.06 -19.42 -1.11
C LYS B 297 -17.60 -19.43 -0.70
N ASN B 298 -16.88 -18.34 -0.98
CA ASN B 298 -15.48 -18.25 -0.60
C ASN B 298 -15.25 -17.33 0.57
N MET B 299 -16.31 -17.06 1.34
CA MET B 299 -16.19 -16.28 2.57
C MET B 299 -15.99 -17.20 3.76
N MET B 300 -15.21 -16.77 4.75
CA MET B 300 -14.96 -17.60 5.93
C MET B 300 -15.66 -17.12 7.21
N ALA B 301 -16.55 -16.13 7.08
CA ALA B 301 -17.47 -15.73 8.15
C ALA B 301 -18.91 -16.07 7.76
N ALA B 302 -19.78 -16.15 8.75
CA ALA B 302 -21.13 -16.69 8.57
C ALA B 302 -22.09 -15.56 8.20
N CYS B 303 -21.95 -15.06 6.99
CA CYS B 303 -22.83 -14.03 6.50
C CYS B 303 -23.03 -14.17 5.01
N ASP B 304 -24.18 -13.71 4.55
CA ASP B 304 -24.36 -13.31 3.15
C ASP B 304 -23.95 -11.83 3.05
N PRO B 305 -22.84 -11.53 2.36
CA PRO B 305 -22.45 -10.13 2.14
C PRO B 305 -23.56 -9.25 1.54
N ARG B 306 -24.46 -9.85 0.76
CA ARG B 306 -25.60 -9.12 0.18
C ARG B 306 -26.64 -8.70 1.21
N HIS B 307 -26.52 -9.20 2.44
CA HIS B 307 -27.37 -8.72 3.55
C HIS B 307 -26.70 -7.56 4.29
N GLY B 308 -26.17 -6.63 3.54
CA GLY B 308 -25.40 -5.53 4.09
C GLY B 308 -24.59 -4.90 2.99
N ARG B 309 -23.61 -4.11 3.37
CA ARG B 309 -22.68 -3.51 2.41
C ARG B 309 -21.25 -3.60 2.93
N TYR B 310 -20.28 -3.70 2.01
CA TYR B 310 -18.86 -3.57 2.37
C TYR B 310 -18.49 -2.11 2.63
N LEU B 311 -18.00 -1.81 3.83
CA LEU B 311 -17.46 -0.48 4.16
C LEU B 311 -16.09 -0.33 3.50
N THR B 312 -15.26 -1.35 3.68
CA THR B 312 -13.97 -1.41 3.04
C THR B 312 -13.53 -2.86 2.81
N VAL B 313 -12.77 -3.02 1.73
CA VAL B 313 -12.24 -4.30 1.28
C VAL B 313 -10.77 -4.15 0.96
N ALA B 314 -9.94 -5.06 1.46
CA ALA B 314 -8.54 -5.13 1.06
C ALA B 314 -8.28 -6.44 0.35
N ALA B 315 -7.68 -6.36 -0.83
CA ALA B 315 -7.25 -7.55 -1.56
C ALA B 315 -5.75 -7.54 -1.64
N VAL B 316 -5.12 -8.67 -1.32
CA VAL B 316 -3.68 -8.86 -1.46
C VAL B 316 -3.40 -9.99 -2.46
N PHE B 317 -2.80 -9.61 -3.59
CA PHE B 317 -2.55 -10.53 -4.69
C PHE B 317 -1.09 -10.95 -4.70
N ARG B 318 -0.87 -12.22 -5.03
CA ARG B 318 0.48 -12.79 -5.06
C ARG B 318 0.74 -13.40 -6.42
N GLY B 319 1.86 -13.02 -7.06
CA GLY B 319 2.19 -13.52 -8.40
C GLY B 319 2.31 -12.35 -9.35
N ARG B 320 2.82 -12.62 -10.54
CA ARG B 320 3.12 -11.57 -11.52
C ARG B 320 1.89 -11.25 -12.33
N MET B 321 1.47 -10.00 -12.28
CA MET B 321 0.23 -9.58 -12.91
C MET B 321 0.24 -8.09 -13.17
N SER B 322 -0.55 -7.67 -14.16
CA SER B 322 -0.64 -6.27 -14.52
C SER B 322 -1.49 -5.50 -13.52
N MET B 323 -0.85 -4.52 -12.90
CA MET B 323 -1.53 -3.57 -12.03
C MET B 323 -2.72 -2.93 -12.71
N LYS B 324 -2.55 -2.60 -13.99
CA LYS B 324 -3.60 -1.99 -14.82
C LYS B 324 -4.82 -2.90 -14.86
N GLU B 325 -4.53 -4.16 -15.19
CA GLU B 325 -5.55 -5.20 -15.32
C GLU B 325 -6.30 -5.36 -14.00
N VAL B 326 -5.56 -5.38 -12.92
CA VAL B 326 -6.13 -5.61 -11.61
C VAL B 326 -7.06 -4.46 -11.25
N ASP B 327 -6.54 -3.25 -11.41
CA ASP B 327 -7.30 -2.06 -11.01
C ASP B 327 -8.59 -1.97 -11.82
N GLU B 328 -8.45 -2.19 -13.12
CA GLU B 328 -9.57 -2.09 -14.06
C GLU B 328 -10.66 -3.08 -13.65
N GLN B 329 -10.24 -4.30 -13.36
CA GLN B 329 -11.18 -5.35 -13.00
C GLN B 329 -11.93 -4.97 -11.72
N MET B 330 -11.20 -4.42 -10.75
CA MET B 330 -11.83 -4.06 -9.50
C MET B 330 -12.81 -2.92 -9.71
N LEU B 331 -12.45 -1.98 -10.58
CA LEU B 331 -13.34 -0.88 -10.93
C LEU B 331 -14.63 -1.39 -11.53
N ASN B 332 -14.51 -2.38 -12.43
CA ASN B 332 -15.68 -2.98 -13.06
C ASN B 332 -16.62 -3.58 -12.01
N VAL B 333 -16.01 -4.28 -11.06
CA VAL B 333 -16.74 -4.92 -9.95
C VAL B 333 -17.49 -3.86 -9.16
N GLN B 334 -16.80 -2.76 -8.87
CA GLN B 334 -17.41 -1.67 -8.11
C GLN B 334 -18.61 -1.09 -8.87
N ASN B 335 -18.42 -0.92 -10.16
CA ASN B 335 -19.44 -0.32 -11.02
C ASN B 335 -20.69 -1.17 -11.05
N LYS B 336 -20.52 -2.47 -11.20
CA LYS B 336 -21.63 -3.39 -11.47
C LYS B 336 -22.41 -3.76 -10.22
N ASN B 337 -21.75 -3.67 -9.06
CA ASN B 337 -22.34 -4.02 -7.78
C ASN B 337 -22.23 -2.87 -6.78
N SER B 338 -22.42 -1.65 -7.28
CA SER B 338 -22.20 -0.42 -6.51
C SER B 338 -23.06 -0.34 -5.25
N SER B 339 -24.18 -1.05 -5.23
CA SER B 339 -25.08 -1.04 -4.08
C SER B 339 -24.49 -1.72 -2.85
N TYR B 340 -23.53 -2.61 -3.06
CA TYR B 340 -22.91 -3.31 -1.93
C TYR B 340 -21.65 -2.61 -1.44
N PHE B 341 -21.40 -1.40 -1.92
CA PHE B 341 -20.20 -0.67 -1.54
C PHE B 341 -20.63 0.67 -0.97
N VAL B 342 -20.30 0.92 0.29
CA VAL B 342 -20.79 2.12 0.94
C VAL B 342 -20.26 3.33 0.17
N GLU B 343 -21.12 4.33 -0.02
CA GLU B 343 -20.81 5.45 -0.90
C GLU B 343 -19.95 6.51 -0.23
N TRP B 344 -19.66 6.40 1.06
CA TRP B 344 -18.78 7.36 1.74
C TRP B 344 -17.33 7.29 1.25
N ILE B 345 -16.93 6.11 0.79
CA ILE B 345 -15.56 5.87 0.38
C ILE B 345 -15.47 5.70 -1.14
N PRO B 346 -15.01 6.74 -1.84
CA PRO B 346 -14.48 6.56 -3.19
C PRO B 346 -13.36 5.50 -3.22
N ASN B 347 -13.24 4.79 -4.32
CA ASN B 347 -12.23 3.72 -4.45
C ASN B 347 -12.35 2.73 -3.28
N ASN B 348 -13.54 2.16 -3.16
CA ASN B 348 -13.92 1.31 -2.03
C ASN B 348 -12.91 0.26 -1.57
N VAL B 349 -12.09 -0.19 -2.51
CA VAL B 349 -11.06 -1.17 -2.22
C VAL B 349 -9.65 -0.62 -2.12
N LYS B 350 -8.84 -1.33 -1.34
CA LYS B 350 -7.38 -1.27 -1.45
C LYS B 350 -6.84 -2.57 -2.08
N THR B 351 -5.85 -2.38 -2.95
CA THR B 351 -5.10 -3.49 -3.50
C THR B 351 -3.66 -3.47 -3.02
N ALA B 352 -3.16 -4.65 -2.68
CA ALA B 352 -1.74 -4.85 -2.46
C ALA B 352 -1.26 -6.00 -3.34
N VAL B 353 0.04 -5.99 -3.64
CA VAL B 353 0.60 -6.94 -4.55
C VAL B 353 1.95 -7.41 -4.02
N CYS B 354 2.18 -8.70 -4.10
CA CYS B 354 3.45 -9.32 -3.76
C CYS B 354 3.97 -10.01 -5.01
N ASP B 355 5.23 -9.73 -5.34
CA ASP B 355 5.90 -10.28 -6.50
C ASP B 355 6.51 -11.58 -6.03
N ILE B 356 5.67 -12.56 -5.76
CA ILE B 356 6.10 -13.86 -5.29
C ILE B 356 4.83 -14.71 -4.99
N PRO B 357 4.64 -15.80 -5.75
CA PRO B 357 3.50 -16.68 -5.51
C PRO B 357 3.80 -17.68 -4.39
N PRO B 358 2.76 -18.21 -3.73
CA PRO B 358 2.98 -19.34 -2.84
C PRO B 358 3.20 -20.59 -3.68
N ARG B 359 4.33 -21.26 -3.44
CA ARG B 359 4.70 -22.56 -4.03
C ARG B 359 3.59 -23.34 -4.77
N GLY B 360 3.82 -23.63 -6.05
CA GLY B 360 2.93 -24.52 -6.80
C GLY B 360 1.68 -23.85 -7.35
N LEU B 361 1.55 -22.54 -7.12
CA LEU B 361 0.58 -21.66 -7.79
C LEU B 361 1.32 -20.58 -8.58
N LYS B 362 0.70 -20.13 -9.68
CA LYS B 362 1.22 -18.97 -10.41
C LYS B 362 0.70 -17.71 -9.76
N MET B 363 -0.54 -17.79 -9.31
CA MET B 363 -1.20 -16.63 -8.75
C MET B 363 -2.08 -17.04 -7.57
N SER B 364 -2.23 -16.15 -6.61
CA SER B 364 -3.12 -16.38 -5.48
C SER B 364 -3.62 -15.04 -4.98
N ALA B 365 -4.62 -15.04 -4.13
CA ALA B 365 -5.09 -13.80 -3.56
C ALA B 365 -5.77 -14.03 -2.25
N THR B 366 -5.77 -13.01 -1.41
CA THR B 366 -6.40 -13.12 -0.10
C THR B 366 -7.20 -11.85 0.16
N PHE B 367 -8.39 -12.07 0.69
CA PHE B 367 -9.44 -11.07 0.72
C PHE B 367 -9.78 -10.76 2.17
N ILE B 368 -9.95 -9.48 2.45
CA ILE B 368 -10.28 -8.97 3.79
C ILE B 368 -11.45 -8.01 3.61
N GLY B 369 -12.62 -8.40 4.09
CA GLY B 369 -13.81 -7.58 3.98
C GLY B 369 -14.29 -7.08 5.34
N ASN B 370 -14.68 -5.81 5.37
CA ASN B 370 -15.31 -5.20 6.54
C ASN B 370 -16.74 -4.77 6.14
N SER B 371 -17.72 -5.59 6.53
CA SER B 371 -19.08 -5.46 6.03
C SER B 371 -20.04 -5.18 7.16
N THR B 372 -21.01 -4.32 6.88
CA THR B 372 -22.11 -4.06 7.81
C THR B 372 -22.93 -5.32 8.07
N ALA B 373 -22.86 -6.26 7.15
CA ALA B 373 -23.61 -7.51 7.26
C ALA B 373 -23.20 -8.33 8.48
N ILE B 374 -21.94 -8.21 8.86
CA ILE B 374 -21.42 -9.06 9.94
C ILE B 374 -22.15 -8.75 11.26
N GLN B 375 -22.90 -7.64 11.30
CA GLN B 375 -23.75 -7.33 12.45
C GLN B 375 -24.70 -8.47 12.79
N GLU B 376 -25.09 -9.22 11.78
CA GLU B 376 -26.03 -10.31 11.98
C GLU B 376 -25.45 -11.37 12.91
N LEU B 377 -24.16 -11.67 12.73
CA LEU B 377 -23.45 -12.61 13.60
C LEU B 377 -23.52 -12.14 15.06
N PHE B 378 -23.25 -10.86 15.26
CA PHE B 378 -23.27 -10.31 16.59
C PHE B 378 -24.66 -10.40 17.20
N LYS B 379 -25.68 -10.12 16.39
CA LYS B 379 -27.08 -10.21 16.80
C LYS B 379 -27.37 -11.61 17.29
N ARG B 380 -26.92 -12.61 16.53
CA ARG B 380 -27.30 -13.98 16.88
C ARG B 380 -26.73 -14.38 18.25
N ILE B 381 -25.47 -14.02 18.45
CA ILE B 381 -24.79 -14.32 19.71
C ILE B 381 -25.49 -13.57 20.84
N SER B 382 -25.83 -12.31 20.60
CA SER B 382 -26.45 -11.50 21.64
C SER B 382 -27.78 -12.09 22.05
N GLU B 383 -28.56 -12.53 21.07
CA GLU B 383 -29.86 -13.15 21.35
C GLU B 383 -29.70 -14.43 22.14
N GLN B 384 -28.75 -15.27 21.70
CA GLN B 384 -28.49 -16.56 22.36
C GLN B 384 -28.12 -16.35 23.82
N PHE B 385 -27.20 -15.42 24.03
CA PHE B 385 -26.73 -15.07 25.37
C PHE B 385 -27.90 -14.61 26.25
N THR B 386 -28.68 -13.72 25.65
CA THR B 386 -29.70 -12.97 26.32
C THR B 386 -30.75 -13.92 26.89
N ALA B 387 -31.14 -14.92 26.11
CA ALA B 387 -32.20 -15.81 26.56
C ALA B 387 -31.78 -16.55 27.83
N MET B 388 -30.57 -17.09 27.78
CA MET B 388 -30.00 -17.83 28.90
C MET B 388 -29.87 -16.93 30.12
N PHE B 389 -29.43 -15.69 29.89
CA PHE B 389 -29.29 -14.76 30.99
C PHE B 389 -30.62 -14.44 31.64
N ARG B 390 -31.68 -14.33 30.82
CA ARG B 390 -33.04 -14.09 31.29
C ARG B 390 -33.41 -15.07 32.40
N ARG B 391 -32.92 -16.31 32.29
CA ARG B 391 -33.20 -17.35 33.30
C ARG B 391 -32.01 -17.63 34.21
N LYS B 392 -31.01 -16.76 34.16
CA LYS B 392 -29.77 -16.90 34.93
C LYS B 392 -29.17 -18.29 34.81
N ALA B 393 -29.32 -18.88 33.63
CA ALA B 393 -28.88 -20.26 33.42
C ALA B 393 -27.36 -20.41 33.43
N PHE B 394 -26.88 -21.48 34.06
CA PHE B 394 -25.44 -21.79 34.18
C PHE B 394 -24.62 -20.77 34.97
N LEU B 395 -25.27 -19.83 35.62
CA LEU B 395 -24.57 -18.65 36.10
C LEU B 395 -23.70 -18.91 37.33
N HIS B 396 -24.09 -19.89 38.14
CA HIS B 396 -23.36 -20.17 39.38
C HIS B 396 -21.88 -20.50 39.14
N TRP B 397 -21.58 -21.13 38.00
CA TRP B 397 -20.18 -21.45 37.71
C TRP B 397 -19.32 -20.19 37.62
N TYR B 398 -19.92 -19.08 37.19
CA TYR B 398 -19.18 -17.82 36.99
C TYR B 398 -19.26 -16.91 38.21
N THR B 399 -20.43 -16.83 38.84
CA THR B 399 -20.58 -16.01 40.03
C THR B 399 -19.70 -16.55 41.13
N GLY B 400 -19.49 -17.86 41.14
CA GLY B 400 -18.64 -18.49 42.14
C GLY B 400 -17.19 -18.05 42.04
N GLU B 401 -16.80 -17.54 40.88
CA GLU B 401 -15.46 -17.01 40.69
C GLU B 401 -15.42 -15.49 40.77
N GLY B 402 -16.49 -14.88 41.27
CA GLY B 402 -16.49 -13.46 41.59
C GLY B 402 -17.13 -12.53 40.57
N MET B 403 -17.56 -13.08 39.43
CA MET B 403 -18.15 -12.25 38.38
C MET B 403 -19.57 -11.84 38.76
N ASP B 404 -20.01 -10.71 38.23
CA ASP B 404 -21.22 -10.05 38.71
C ASP B 404 -22.15 -9.77 37.54
N GLU B 405 -23.45 -9.68 37.82
CA GLU B 405 -24.47 -9.43 36.79
C GLU B 405 -24.21 -8.14 36.00
N MET B 406 -23.68 -7.14 36.70
CA MET B 406 -23.46 -5.83 36.09
C MET B 406 -22.48 -5.94 34.94
N GLU B 407 -21.42 -6.72 35.14
CA GLU B 407 -20.42 -6.93 34.10
C GLU B 407 -21.05 -7.57 32.88
N PHE B 408 -21.89 -8.57 33.11
CA PHE B 408 -22.59 -9.26 32.03
C PHE B 408 -23.47 -8.28 31.25
N THR B 409 -24.17 -7.42 31.99
CA THR B 409 -25.04 -6.43 31.39
C THR B 409 -24.23 -5.48 30.50
N GLU B 410 -23.07 -5.07 31.01
CA GLU B 410 -22.16 -4.18 30.30
C GLU B 410 -21.76 -4.79 28.97
N ALA B 411 -21.42 -6.09 29.01
CA ALA B 411 -21.03 -6.83 27.82
C ALA B 411 -22.12 -6.77 26.76
N GLU B 412 -23.35 -7.01 27.21
CA GLU B 412 -24.51 -6.98 26.33
C GLU B 412 -24.73 -5.62 25.72
N SER B 413 -24.57 -4.59 26.55
CA SER B 413 -24.69 -3.20 26.12
C SER B 413 -23.66 -2.91 25.02
N ASN B 414 -22.43 -3.40 25.22
CA ASN B 414 -21.38 -3.22 24.24
C ASN B 414 -21.75 -3.83 22.90
N MET B 415 -22.27 -5.06 22.98
CA MET B 415 -22.68 -5.80 21.78
C MET B 415 -23.75 -5.06 21.01
N ASN B 416 -24.73 -4.58 21.77
CA ASN B 416 -25.84 -3.88 21.16
C ASN B 416 -25.35 -2.58 20.50
N ASP B 417 -24.43 -1.89 21.18
CA ASP B 417 -23.86 -0.65 20.65
C ASP B 417 -23.15 -0.94 19.33
N LEU B 418 -22.40 -2.04 19.29
CA LEU B 418 -21.70 -2.46 18.07
C LEU B 418 -22.66 -2.58 16.89
N VAL B 419 -23.74 -3.31 17.14
CA VAL B 419 -24.71 -3.56 16.07
C VAL B 419 -25.37 -2.25 15.65
N SER B 420 -25.66 -1.38 16.63
CA SER B 420 -26.24 -0.08 16.34
C SER B 420 -25.33 0.74 15.45
N GLU B 421 -24.02 0.70 15.72
CA GLU B 421 -23.05 1.41 14.92
C GLU B 421 -23.08 0.92 13.46
N TYR B 422 -23.16 -0.39 13.30
CA TYR B 422 -23.23 -0.99 11.96
C TYR B 422 -24.48 -0.52 11.25
N GLN B 423 -25.58 -0.50 11.97
CA GLN B 423 -26.86 -0.05 11.42
C GLN B 423 -26.76 1.39 10.93
N GLN B 424 -26.12 2.23 11.75
CA GLN B 424 -25.91 3.64 11.45
C GLN B 424 -25.14 3.82 10.16
N TYR B 425 -24.14 2.98 9.91
CA TYR B 425 -23.32 3.12 8.71
C TYR B 425 -23.71 2.04 7.70
N GLN B 426 -25.00 1.70 7.67
CA GLN B 426 -25.53 0.81 6.66
C GLN B 426 -25.65 1.56 5.32
PG GTP C . 4.15 4.16 2.26
O1G GTP C . 2.78 4.51 2.78
O2G GTP C . 5.26 4.34 3.25
O3G GTP C . 4.18 2.86 1.48
O3B GTP C . 4.38 5.36 1.21
PB GTP C . 4.84 5.15 -0.32
O1B GTP C . 5.77 3.97 -0.46
O2B GTP C . 5.32 6.50 -0.80
O3A GTP C . 3.45 4.82 -1.04
PA GTP C . 3.37 4.69 -2.64
O1A GTP C . 3.21 3.22 -2.95
O2A GTP C . 4.50 5.48 -3.28
O5' GTP C . 2.00 5.51 -2.92
C5' GTP C . 0.80 5.02 -3.54
C4' GTP C . 0.59 5.86 -4.80
O4' GTP C . 1.75 5.71 -5.63
C3' GTP C . -0.61 5.41 -5.65
O3' GTP C . -1.17 6.55 -6.30
C2' GTP C . 0.03 4.46 -6.67
O2' GTP C . -0.68 4.35 -7.91
C1' GTP C . 1.41 5.07 -6.87
N9 GTP C . 2.41 4.04 -7.21
C8 GTP C . 2.75 3.05 -6.37
N7 GTP C . 3.70 2.28 -6.92
C5 GTP C . 3.97 2.78 -8.12
C6 GTP C . 4.89 2.42 -9.23
O6 GTP C . 5.63 1.43 -9.12
N1 GTP C . 4.89 3.18 -10.32
C2 GTP C . 4.08 4.25 -10.44
N2 GTP C . 4.15 4.97 -11.59
N3 GTP C . 3.21 4.64 -9.47
C4 GTP C . 3.12 3.95 -8.31
MG MG D . 5.91 2.44 0.36
PB GDP E . -10.45 -24.18 25.16
O1B GDP E . -11.00 -24.01 26.56
O2B GDP E . -9.58 -25.38 24.92
O3B GDP E . -9.90 -22.87 24.63
O3A GDP E . -11.78 -24.46 24.29
PA GDP E . -11.76 -24.60 22.68
O1A GDP E . -11.86 -26.09 22.41
O2A GDP E . -10.53 -23.94 22.12
O5' GDP E . -13.08 -23.80 22.19
C5' GDP E . -14.11 -24.39 21.39
C4' GDP E . -14.29 -23.70 20.03
O4' GDP E . -13.10 -23.90 19.24
C3' GDP E . -15.42 -24.37 19.24
O3' GDP E . -16.08 -23.39 18.44
C2' GDP E . -14.69 -25.41 18.38
O2' GDP E . -15.39 -25.72 17.18
C1' GDP E . -13.37 -24.74 18.09
N9 GDP E . -12.24 -25.67 17.88
C8 GDP E . -11.78 -26.52 18.81
N7 GDP E . -10.72 -27.20 18.34
C5 GDP E . -10.45 -26.78 17.10
C6 GDP E . -9.45 -27.09 16.05
O6 GDP E . -8.57 -27.95 16.26
N1 GDP E . -9.50 -26.43 14.89
C2 GDP E . -10.44 -25.49 14.66
N2 GDP E . -10.42 -24.86 13.45
N3 GDP E . -11.40 -25.16 15.57
C4 GDP E . -11.46 -25.75 16.79
O01 TA1 F . -3.49 -29.39 -1.61
C01 TA1 F . -3.28 -28.32 -2.54
C02 TA1 F . -4.74 -27.73 -2.80
O02 TA1 F . -5.19 -27.38 -1.46
C03 TA1 F . -6.12 -28.12 -0.83
O03 TA1 F . -6.67 -29.08 -1.33
C04 TA1 F . -6.34 -27.64 0.55
C05 TA1 F . -6.32 -28.57 1.59
C06 TA1 F . -6.51 -28.15 2.91
C07 TA1 F . -6.71 -26.82 3.18
C08 TA1 F . -6.72 -25.89 2.16
C09 TA1 F . -6.54 -26.30 0.84
C10 TA1 F . -4.92 -26.46 -3.74
C11 TA1 F . -5.87 -25.40 -3.12
O04 TA1 F . -5.33 -24.86 -1.88
C12 TA1 F . -4.22 -24.11 -1.83
O05 TA1 F . -3.57 -23.81 -2.81
C13 TA1 F . -3.91 -23.71 -0.43
C14 TA1 F . -7.31 -25.75 -2.72
O06 TA1 F . -7.85 -24.74 -3.61
C15 TA1 F . -6.51 -24.32 -4.04
C16 TA1 F . -6.29 -24.41 -5.54
C17 TA1 F . -5.17 -25.33 -5.96
O07 TA1 F . -5.08 -25.41 -7.37
C18 TA1 F . -5.30 -26.75 -5.25
C19 TA1 F . -6.75 -27.29 -5.45
C20 TA1 F . -4.37 -27.69 -6.08
O08 TA1 F . -4.87 -28.59 -6.73
C21 TA1 F . -2.85 -27.58 -6.14
O09 TA1 F . -2.36 -28.66 -6.98
C22 TA1 F . -1.78 -28.40 -8.18
O10 TA1 F . -1.61 -27.30 -8.62
C23 TA1 F . -1.39 -29.67 -8.86
C24 TA1 F . -2.31 -27.65 -4.74
C25 TA1 F . -1.65 -26.59 -4.22
C26 TA1 F . -1.27 -26.66 -2.75
O11 TA1 F . -0.93 -25.35 -2.17
C27 TA1 F . 0.35 -24.97 -2.13
O12 TA1 F . 1.28 -25.62 -2.54
C28 TA1 F . 0.51 -23.58 -1.50
O13 TA1 F . 1.87 -23.20 -1.42
C29 TA1 F . -0.09 -23.57 -0.09
N01 TA1 F . 0.53 -24.64 0.70
C30 TA1 F . -0.05 -25.25 1.74
O14 TA1 F . -1.16 -24.94 2.15
C31 TA1 F . 0.73 -26.38 2.33
C32 TA1 F . 1.99 -26.17 2.87
C33 TA1 F . 2.70 -27.22 3.40
C34 TA1 F . 2.18 -28.50 3.37
C35 TA1 F . 0.92 -28.71 2.83
C36 TA1 F . 0.20 -27.65 2.30
C37 TA1 F . 0.03 -22.23 0.63
C38 TA1 F . -1.00 -21.30 0.50
C39 TA1 F . -0.91 -20.07 1.12
C40 TA1 F . 0.18 -19.76 1.89
C41 TA1 F . 1.20 -20.68 2.03
C42 TA1 F . 1.13 -21.91 1.40
C43 TA1 F . -2.41 -27.21 -1.88
C44 TA1 F . -1.39 -25.27 -4.93
C45 TA1 F . -2.60 -28.90 -3.83
C46 TA1 F . -1.23 -29.55 -3.49
C47 TA1 F . -3.43 -30.07 -4.40
#